data_2P8D
# 
_entry.id   2P8D 
# 
_audit_conform.dict_name       mmcif_pdbx.dic 
_audit_conform.dict_version    5.377 
_audit_conform.dict_location   http://mmcif.pdb.org/dictionaries/ascii/mmcif_pdbx.dic 
# 
loop_
_database_2.database_id 
_database_2.database_code 
_database_2.pdbx_database_accession 
_database_2.pdbx_DOI 
PDB   2P8D         pdb_00002p8d 10.2210/pdb2p8d/pdb 
NDB   BD0101       ?            ?                   
RCSB  RCSB042094   ?            ?                   
WWPDB D_1000042094 ?            ?                   
# 
_pdbx_database_related.db_name        PDB 
_pdbx_database_related.db_id          2H0N 
_pdbx_database_related.details        'Contains the same synthetic nucleosides' 
_pdbx_database_related.content_type   unspecified 
# 
_pdbx_database_status.status_code                     REL 
_pdbx_database_status.entry_id                        2P8D 
_pdbx_database_status.recvd_initial_deposition_date   2007-03-22 
_pdbx_database_status.deposit_site                    RCSB 
_pdbx_database_status.process_site                    RCSB 
_pdbx_database_status.status_code_sf                  REL 
_pdbx_database_status.status_code_mr                  ? 
_pdbx_database_status.SG_entry                        ? 
_pdbx_database_status.pdb_format_compatible           Y 
_pdbx_database_status.status_code_cs                  ? 
_pdbx_database_status.status_code_nmr_data            ? 
_pdbx_database_status.methods_development_category    ? 
# 
loop_
_audit_author.name 
_audit_author.pdbx_ordinal 
'Robeyns, K.'      1 
'Van Meervelt, L.' 2 
# 
_citation.id                        primary 
_citation.title                     
'Influence of the incorporation of a cyclohexenyl nucleic acid (CeNA) residue onto the sequence d(CGCGAATTCGCG).' 
_citation.journal_abbrev            'Nucleic Acids Res.' 
_citation.journal_volume            36 
_citation.page_first                1407 
_citation.page_last                 1414 
_citation.year                      2008 
_citation.journal_id_ASTM           NARHAD 
_citation.country                   UK 
_citation.journal_id_ISSN           0305-1048 
_citation.journal_id_CSD            0389 
_citation.book_publisher            ? 
_citation.pdbx_database_id_PubMed   18160414 
_citation.pdbx_database_id_DOI      10.1093/nar/gkm1132 
# 
loop_
_citation_author.citation_id 
_citation_author.name 
_citation_author.ordinal 
_citation_author.identifier_ORCID 
primary 'Robeyns, K.'      1 ? 
primary 'Herdewijn, P.'    2 ? 
primary 'Van Meervelt, L.' 3 ? 
# 
_cell.entry_id           2P8D 
_cell.length_a           24.915 
_cell.length_b           38.780 
_cell.length_c           66.923 
_cell.angle_alpha        90.00 
_cell.angle_beta         90.00 
_cell.angle_gamma        90.00 
_cell.Z_PDB              8 
_cell.pdbx_unique_axis   ? 
_cell.length_a_esd       ? 
_cell.length_b_esd       ? 
_cell.length_c_esd       ? 
_cell.angle_alpha_esd    ? 
_cell.angle_beta_esd     ? 
_cell.angle_gamma_esd    ? 
# 
_symmetry.entry_id                         2P8D 
_symmetry.space_group_name_H-M             'P 2 2 21' 
_symmetry.pdbx_full_space_group_name_H-M   ? 
_symmetry.cell_setting                     ? 
_symmetry.Int_Tables_number                17 
_symmetry.space_group_name_Hall            ? 
# 
loop_
_entity.id 
_entity.type 
_entity.src_method 
_entity.pdbx_description 
_entity.formula_weight 
_entity.pdbx_number_of_molecules 
_entity.pdbx_ec 
_entity.pdbx_mutation 
_entity.pdbx_fragment 
_entity.details 
1 polymer     syn "5'-D(*DCP*DGP*DCP*DGP*DAP*(XAR)P*DTP*DTP*DCP*DGP*DCP*DG)-3'" 3673.430 2  ? ? ? ? 
2 non-polymer syn 'COBALT HEXAMMINE(III)'                                       161.116  3  ? ? ? ? 
3 water       nat water                                                         18.015   74 ? ? ? ? 
# 
_entity_poly.entity_id                      1 
_entity_poly.type                           polydeoxyribonucleotide 
_entity_poly.nstd_linkage                   no 
_entity_poly.nstd_monomer                   yes 
_entity_poly.pdbx_seq_one_letter_code       '(DC)(DG)(DC)(DG)(DA)(XAR)(DT)(DT)(DC)(DG)(DC)(DG)' 
_entity_poly.pdbx_seq_one_letter_code_can   CGCGANTTCGCG 
_entity_poly.pdbx_strand_id                 A,B 
_entity_poly.pdbx_target_identifier         ? 
# 
loop_
_entity_poly_seq.entity_id 
_entity_poly_seq.num 
_entity_poly_seq.mon_id 
_entity_poly_seq.hetero 
1 1  DC  n 
1 2  DG  n 
1 3  DC  n 
1 4  DG  n 
1 5  DA  n 
1 6  XAR n 
1 7  DT  n 
1 8  DT  n 
1 9  DC  n 
1 10 DG  n 
1 11 DC  n 
1 12 DG  n 
# 
_pdbx_entity_src_syn.entity_id              1 
_pdbx_entity_src_syn.pdbx_src_id            1 
_pdbx_entity_src_syn.pdbx_alt_source_flag   sample 
_pdbx_entity_src_syn.pdbx_beg_seq_num       ? 
_pdbx_entity_src_syn.pdbx_end_seq_num       ? 
_pdbx_entity_src_syn.organism_scientific    ? 
_pdbx_entity_src_syn.organism_common_name   ? 
_pdbx_entity_src_syn.ncbi_taxonomy_id       ? 
_pdbx_entity_src_syn.details                
'The XAR (Cyclohexene nucleic acid) residues as well as the oligomer sequence were synthesized.' 
# 
_struct_ref.id                         1 
_struct_ref.db_name                    PDB 
_struct_ref.db_code                    2P8D 
_struct_ref.pdbx_db_accession          2P8D 
_struct_ref.entity_id                  1 
_struct_ref.pdbx_align_begin           ? 
_struct_ref.pdbx_seq_one_letter_code   CGCGAXTTCGCG 
_struct_ref.pdbx_db_isoform            ? 
# 
loop_
_struct_ref_seq.align_id 
_struct_ref_seq.ref_id 
_struct_ref_seq.pdbx_PDB_id_code 
_struct_ref_seq.pdbx_strand_id 
_struct_ref_seq.seq_align_beg 
_struct_ref_seq.pdbx_seq_align_beg_ins_code 
_struct_ref_seq.seq_align_end 
_struct_ref_seq.pdbx_seq_align_end_ins_code 
_struct_ref_seq.pdbx_db_accession 
_struct_ref_seq.db_align_beg 
_struct_ref_seq.pdbx_db_align_beg_ins_code 
_struct_ref_seq.db_align_end 
_struct_ref_seq.pdbx_db_align_end_ins_code 
_struct_ref_seq.pdbx_auth_seq_align_beg 
_struct_ref_seq.pdbx_auth_seq_align_end 
1 1 2P8D A 1 ? 12 ? 2P8D 1 ? 12 ? 1 12 
2 1 2P8D B 1 ? 12 ? 2P8D 1 ? 12 ? 1 12 
# 
loop_
_chem_comp.id 
_chem_comp.type 
_chem_comp.mon_nstd_flag 
_chem_comp.name 
_chem_comp.pdbx_synonyms 
_chem_comp.formula 
_chem_comp.formula_weight 
DA  'DNA linking' y "2'-DEOXYADENOSINE-5'-MONOPHOSPHATE"                                                            ? 
'C10 H14 N5 O6 P' 331.222 
DC  'DNA linking' y "2'-DEOXYCYTIDINE-5'-MONOPHOSPHATE"                                                             ? 
'C9 H14 N3 O7 P'  307.197 
DG  'DNA linking' y "2'-DEOXYGUANOSINE-5'-MONOPHOSPHATE"                                                            ? 
'C10 H14 N5 O7 P' 347.221 
DT  'DNA linking' y "THYMIDINE-5'-MONOPHOSPHATE"                                                                    ? 
'C10 H15 N2 O8 P' 322.208 
HOH non-polymer   . WATER                                                                                           ? 'H2 O' 
18.015  
NCO non-polymer   . 'COBALT HEXAMMINE(III)'                                                                         ? 
'Co H18 N6 3'     161.116 
XAR 'DNA linking' . '[(1R,4S,6S)-4-(6-AMINO-9H-PURIN-9-YL)-6-HYDROXYCYCLOHEX-2-EN-1-YL]METHYL DIHYDROGEN PHOSPHATE' ? 
'C12 H16 N5 O5 P' 341.260 
# 
_exptl.entry_id          2P8D 
_exptl.method            'X-RAY DIFFRACTION' 
_exptl.crystals_number   1 
# 
_exptl_crystal.id                    1 
_exptl_crystal.density_meas          ? 
_exptl_crystal.density_Matthews      2.12 
_exptl_crystal.density_percent_sol   41.91 
_exptl_crystal.description           ? 
_exptl_crystal.F_000                 ? 
_exptl_crystal.preparation           ? 
# 
_exptl_crystal_grow.crystal_id      1 
_exptl_crystal_grow.method          'VAPOR DIFFUSION, HANGING DROP' 
_exptl_crystal_grow.temp            289 
_exptl_crystal_grow.temp_details    ? 
_exptl_crystal_grow.pH              5.5 
_exptl_crystal_grow.pdbx_details    
;20mM potassium cacodylate buffer (pH=5.5), 10mM cobalt hexamine, 44mM potassium chloride, 6mM sodium chloride, 5%(v/v) 2-methyl-2,4-pentanediol (MPD), and 0.75mM ssDNA against a 35%(v/v) MPD stock solution, VAPOR DIFFUSION, HANGING DROP, temperature 289K
;
_exptl_crystal_grow.pdbx_pH_range   . 
# 
loop_
_exptl_crystal_grow_comp.crystal_id 
_exptl_crystal_grow_comp.id 
_exptl_crystal_grow_comp.sol_id 
_exptl_crystal_grow_comp.name 
_exptl_crystal_grow_comp.volume 
_exptl_crystal_grow_comp.conc 
_exptl_crystal_grow_comp.details 
1 1 1 'potassium cacodylate'           ? ? ? 
1 2 1 'cobalt hexamine'                ? ? ? 
1 3 1 'potassium chloride'             ? ? ? 
1 4 1 'sodium chloride'                ? ? ? 
1 5 1 '2-methyl-2,4-pentanediol (MPD)' ? ? ? 
1 6 2 '2-methyl-2,4-pentanediol (MPD)' ? ? ? 
# 
_diffrn.id                     1 
_diffrn.ambient_temp           100 
_diffrn.ambient_temp_details   ? 
_diffrn.crystal_id             1 
# 
_diffrn_detector.diffrn_id              1 
_diffrn_detector.detector               'IMAGE PLATE' 
_diffrn_detector.type                   'MAR scanner 345 mm plate' 
_diffrn_detector.pdbx_collection_date   2004-07-07 
_diffrn_detector.details                ? 
# 
_diffrn_radiation.diffrn_id                        1 
_diffrn_radiation.wavelength_id                    1 
_diffrn_radiation.pdbx_monochromatic_or_laue_m_l   M 
_diffrn_radiation.monochromator                    ? 
_diffrn_radiation.pdbx_diffrn_protocol             'SINGLE WAVELENGTH' 
_diffrn_radiation.pdbx_scattering_type             x-ray 
# 
_diffrn_radiation_wavelength.id           1 
_diffrn_radiation_wavelength.wavelength   0.8414 
_diffrn_radiation_wavelength.wt           1.0 
# 
_diffrn_source.diffrn_id                   1 
_diffrn_source.source                      SYNCHROTRON 
_diffrn_source.type                        'EMBL/DESY, HAMBURG BEAMLINE BW7B' 
_diffrn_source.pdbx_synchrotron_site       'EMBL/DESY, HAMBURG' 
_diffrn_source.pdbx_synchrotron_beamline   BW7B 
_diffrn_source.pdbx_wavelength             ? 
_diffrn_source.pdbx_wavelength_list        0.8414 
# 
_reflns.entry_id                     2P8D 
_reflns.observed_criterion_sigma_F   0 
_reflns.observed_criterion_sigma_I   0 
_reflns.d_resolution_high            1.90 
_reflns.d_resolution_low             20.00 
_reflns.number_all                   5476 
_reflns.number_obs                   5476 
_reflns.percent_possible_obs         99.4 
_reflns.pdbx_Rmerge_I_obs            0.05 
_reflns.pdbx_Rsym_value              0.05 
_reflns.pdbx_netI_over_sigmaI        15.3 
_reflns.B_iso_Wilson_estimate        38.0 
_reflns.pdbx_redundancy              4.5 
_reflns.R_free_details               ? 
_reflns.pdbx_chi_squared             ? 
_reflns.pdbx_scaling_rejects         ? 
_reflns.pdbx_diffrn_id               1 
_reflns.pdbx_ordinal                 1 
# 
_reflns_shell.d_res_high             1.9 
_reflns_shell.d_res_low              2 
_reflns_shell.percent_possible_all   100 
_reflns_shell.Rmerge_I_obs           0.457 
_reflns_shell.pdbx_Rsym_value        0.457 
_reflns_shell.meanI_over_sigI_obs    3.0 
_reflns_shell.pdbx_redundancy        4.6 
_reflns_shell.percent_possible_obs   ? 
_reflns_shell.number_unique_all      777 
_reflns_shell.number_measured_all    ? 
_reflns_shell.number_measured_obs    ? 
_reflns_shell.number_unique_obs      ? 
_reflns_shell.pdbx_chi_squared       ? 
_reflns_shell.pdbx_diffrn_id         ? 
_reflns_shell.pdbx_ordinal           1 
# 
_refine.entry_id                                 2P8D 
_refine.ls_number_reflns_obs                     5209 
_refine.ls_number_reflns_all                     5209 
_refine.pdbx_ls_sigma_I                          0 
_refine.pdbx_ls_sigma_F                          0 
_refine.pdbx_data_cutoff_high_absF               ? 
_refine.pdbx_data_cutoff_low_absF                ? 
_refine.pdbx_data_cutoff_high_rms_absF           ? 
_refine.ls_d_res_low                             17.76 
_refine.ls_d_res_high                            1.90 
_refine.ls_percent_reflns_obs                    99.27 
_refine.ls_R_factor_obs                          0.23313 
_refine.ls_R_factor_all                          0.23313 
_refine.ls_R_factor_R_work                       0.22954 
_refine.ls_R_factor_R_free                       0.30752 
_refine.ls_R_factor_R_free_error                 ? 
_refine.ls_R_factor_R_free_error_details         ? 
_refine.ls_percent_reflns_R_free                 4.5 
_refine.ls_number_reflns_R_free                  245 
_refine.ls_number_parameters                     ? 
_refine.ls_number_restraints                     ? 
_refine.occupancy_min                            ? 
_refine.occupancy_max                            ? 
_refine.correlation_coeff_Fo_to_Fc               0.954 
_refine.correlation_coeff_Fo_to_Fc_free          0.914 
_refine.B_iso_mean                               44.161 
_refine.aniso_B[1][1]                            0.04 
_refine.aniso_B[2][2]                            -0.02 
_refine.aniso_B[3][3]                            -0.01 
_refine.aniso_B[1][2]                            0.00 
_refine.aniso_B[1][3]                            0.00 
_refine.aniso_B[2][3]                            0.00 
_refine.solvent_model_details                    'BABINET MODEL WITH MASK' 
_refine.solvent_model_param_ksol                 ? 
_refine.solvent_model_param_bsol                 ? 
_refine.pdbx_solvent_vdw_probe_radii             1.40 
_refine.pdbx_solvent_ion_probe_radii             0.80 
_refine.pdbx_solvent_shrinkage_radii             0.80 
_refine.pdbx_ls_cross_valid_method               THROUGHOUT 
_refine.details                                  ? 
_refine.pdbx_starting_model                      'PDB ENTRY 355D' 
_refine.pdbx_method_to_determine_struct          'MOLECULAR REPLACEMENT' 
_refine.pdbx_isotropic_thermal_model             Idotropic 
_refine.pdbx_stereochemistry_target_values       'MAXIMUM LIKELIHOOD' 
_refine.pdbx_stereochem_target_val_spec_case     ? 
_refine.pdbx_R_Free_selection_details            RANDOM 
_refine.pdbx_overall_ESU_R                       0.194 
_refine.pdbx_overall_ESU_R_Free                  0.196 
_refine.overall_SU_ML                            0.148 
_refine.overall_SU_B                             5.408 
_refine.ls_redundancy_reflns_obs                 ? 
_refine.overall_SU_R_Cruickshank_DPI             ? 
_refine.overall_SU_R_free                        ? 
_refine.ls_wR_factor_R_free                      ? 
_refine.ls_wR_factor_R_work                      ? 
_refine.overall_FOM_free_R_set                   ? 
_refine.overall_FOM_work_R_set                   ? 
_refine.pdbx_overall_phase_error                 ? 
_refine.pdbx_refine_id                           'X-RAY DIFFRACTION' 
_refine.pdbx_diffrn_id                           1 
_refine.pdbx_TLS_residual_ADP_flag               ? 
_refine.pdbx_overall_SU_R_free_Cruickshank_DPI   ? 
_refine.pdbx_overall_SU_R_Blow_DPI               ? 
_refine.pdbx_overall_SU_R_free_Blow_DPI          ? 
# 
_refine_hist.pdbx_refine_id                   'X-RAY DIFFRACTION' 
_refine_hist.cycle_id                         LAST 
_refine_hist.pdbx_number_atoms_protein        0 
_refine_hist.pdbx_number_atoms_nucleic_acid   469 
_refine_hist.pdbx_number_atoms_ligand         21 
_refine_hist.number_atoms_solvent             74 
_refine_hist.number_atoms_total               564 
_refine_hist.d_res_high                       1.90 
_refine_hist.d_res_low                        17.76 
# 
loop_
_refine_ls_restr.type 
_refine_ls_restr.dev_ideal 
_refine_ls_restr.dev_ideal_target 
_refine_ls_restr.weight 
_refine_ls_restr.number 
_refine_ls_restr.pdbx_refine_id 
_refine_ls_restr.pdbx_restraint_function 
r_bond_refined_d             0.011 0.021 ? 564  'X-RAY DIFFRACTION' ? 
r_bond_other_d               ?     ?     ? ?    'X-RAY DIFFRACTION' ? 
r_angle_refined_deg          1.803 3.000 ? 1103 'X-RAY DIFFRACTION' ? 
r_angle_other_deg            ?     ?     ? ?    'X-RAY DIFFRACTION' ? 
r_dihedral_angle_1_deg       ?     ?     ? ?    'X-RAY DIFFRACTION' ? 
r_dihedral_angle_2_deg       ?     ?     ? ?    'X-RAY DIFFRACTION' ? 
r_dihedral_angle_3_deg       ?     ?     ? ?    'X-RAY DIFFRACTION' ? 
r_dihedral_angle_4_deg       ?     ?     ? ?    'X-RAY DIFFRACTION' ? 
r_chiral_restr               0.087 0.200 ? 88   'X-RAY DIFFRACTION' ? 
r_gen_planes_refined         0.009 0.020 ? 247  'X-RAY DIFFRACTION' ? 
r_gen_planes_other           ?     ?     ? ?    'X-RAY DIFFRACTION' ? 
r_nbd_refined                0.199 0.200 ? 149  'X-RAY DIFFRACTION' ? 
r_nbd_other                  ?     ?     ? ?    'X-RAY DIFFRACTION' ? 
r_nbtor_refined              0.324 0.200 ? 305  'X-RAY DIFFRACTION' ? 
r_nbtor_other                ?     ?     ? ?    'X-RAY DIFFRACTION' ? 
r_xyhbond_nbd_refined        0.200 0.200 ? 40   'X-RAY DIFFRACTION' ? 
r_xyhbond_nbd_other          ?     ?     ? ?    'X-RAY DIFFRACTION' ? 
r_metal_ion_refined          ?     ?     ? ?    'X-RAY DIFFRACTION' ? 
r_metal_ion_other            ?     ?     ? ?    'X-RAY DIFFRACTION' ? 
r_symmetry_vdw_refined       0.171 0.200 ? 32   'X-RAY DIFFRACTION' ? 
r_symmetry_vdw_other         ?     ?     ? ?    'X-RAY DIFFRACTION' ? 
r_symmetry_hbond_refined     0.156 0.200 ? 33   'X-RAY DIFFRACTION' ? 
r_symmetry_hbond_other       ?     ?     ? ?    'X-RAY DIFFRACTION' ? 
r_symmetry_metal_ion_refined ?     ?     ? ?    'X-RAY DIFFRACTION' ? 
r_symmetry_metal_ion_other   ?     ?     ? ?    'X-RAY DIFFRACTION' ? 
r_mcbond_it                  ?     ?     ? ?    'X-RAY DIFFRACTION' ? 
r_mcbond_other               ?     ?     ? ?    'X-RAY DIFFRACTION' ? 
r_mcangle_it                 ?     ?     ? ?    'X-RAY DIFFRACTION' ? 
r_scbond_it                  2.019 3.000 ? 787  'X-RAY DIFFRACTION' ? 
r_scangle_it                 3.149 4.500 ? 842  'X-RAY DIFFRACTION' ? 
r_rigid_bond_restr           ?     ?     ? ?    'X-RAY DIFFRACTION' ? 
r_sphericity_free            ?     ?     ? ?    'X-RAY DIFFRACTION' ? 
r_sphericity_bonded          ?     ?     ? ?    'X-RAY DIFFRACTION' ? 
# 
_refine_ls_shell.pdbx_total_number_of_bins_used   20 
_refine_ls_shell.d_res_high                       1.900 
_refine_ls_shell.d_res_low                        1.949 
_refine_ls_shell.number_reflns_R_work             384 
_refine_ls_shell.R_factor_R_work                  0.355 
_refine_ls_shell.percent_reflns_obs               100.00 
_refine_ls_shell.R_factor_R_free                  0.443 
_refine_ls_shell.R_factor_R_free_error            ? 
_refine_ls_shell.percent_reflns_R_free            ? 
_refine_ls_shell.number_reflns_R_free             14 
_refine_ls_shell.number_reflns_all                ? 
_refine_ls_shell.R_factor_all                     ? 
_refine_ls_shell.number_reflns_obs                777 
_refine_ls_shell.redundancy_reflns_obs            ? 
_refine_ls_shell.pdbx_refine_id                   'X-RAY DIFFRACTION' 
# 
_struct.entry_id                  2P8D 
_struct.title                     'The Structure of the Dickerson Sequence with an Incorporated CeNA Residue' 
_struct.pdbx_model_details        ? 
_struct.pdbx_CASP_flag            ? 
_struct.pdbx_model_type_details   ? 
# 
_struct_keywords.entry_id        2P8D 
_struct_keywords.pdbx_keywords   DNA 
_struct_keywords.text            'CeNA, sugar modification, DNA' 
# 
loop_
_struct_asym.id 
_struct_asym.pdbx_blank_PDB_chainid_flag 
_struct_asym.pdbx_modified 
_struct_asym.entity_id 
_struct_asym.details 
A N N 1 ? 
B N N 1 ? 
C N N 2 ? 
D N N 2 ? 
E N N 2 ? 
F N N 3 ? 
G N N 3 ? 
# 
loop_
_struct_biol.id 
_struct_biol.details 
1 
;The second part of the biological assembly of chain A is generated 
by the two fold axis:  -x-1, y, -z-0.5
;
2 
;The second part of the biological assembly of chain B is generated 
by the two fold axis:  x, -y, -z
;
# 
loop_
_struct_conn.id 
_struct_conn.conn_type_id 
_struct_conn.pdbx_leaving_atom_flag 
_struct_conn.pdbx_PDB_id 
_struct_conn.ptnr1_label_asym_id 
_struct_conn.ptnr1_label_comp_id 
_struct_conn.ptnr1_label_seq_id 
_struct_conn.ptnr1_label_atom_id 
_struct_conn.pdbx_ptnr1_label_alt_id 
_struct_conn.pdbx_ptnr1_PDB_ins_code 
_struct_conn.pdbx_ptnr1_standard_comp_id 
_struct_conn.ptnr1_symmetry 
_struct_conn.ptnr2_label_asym_id 
_struct_conn.ptnr2_label_comp_id 
_struct_conn.ptnr2_label_seq_id 
_struct_conn.ptnr2_label_atom_id 
_struct_conn.pdbx_ptnr2_label_alt_id 
_struct_conn.pdbx_ptnr2_PDB_ins_code 
_struct_conn.ptnr1_auth_asym_id 
_struct_conn.ptnr1_auth_comp_id 
_struct_conn.ptnr1_auth_seq_id 
_struct_conn.ptnr2_auth_asym_id 
_struct_conn.ptnr2_auth_comp_id 
_struct_conn.ptnr2_auth_seq_id 
_struct_conn.ptnr2_symmetry 
_struct_conn.pdbx_ptnr3_label_atom_id 
_struct_conn.pdbx_ptnr3_label_seq_id 
_struct_conn.pdbx_ptnr3_label_comp_id 
_struct_conn.pdbx_ptnr3_label_asym_id 
_struct_conn.pdbx_ptnr3_label_alt_id 
_struct_conn.pdbx_ptnr3_PDB_ins_code 
_struct_conn.details 
_struct_conn.pdbx_dist_value 
_struct_conn.pdbx_value_order 
_struct_conn.pdbx_role 
covale1  covale both ? A DA  5  "O3'" ? ? ? 1_555 A XAR 6  P  ? ? A DA  5  A XAR 6  1_555 ? ? ? ? ? ? ?            1.592 ? ? 
covale2  covale both ? A XAR 6  "O3'" ? ? ? 1_555 A DT  7  P  ? ? A XAR 6  A DT  7  1_555 ? ? ? ? ? ? ?            1.600 ? ? 
covale3  covale both ? B DA  5  "O3'" ? ? ? 1_555 B XAR 6  P  ? ? B DA  5  B XAR 6  1_555 ? ? ? ? ? ? ?            1.592 ? ? 
covale4  covale both ? B XAR 6  "O3'" ? ? ? 1_555 B DT  7  P  ? ? B XAR 6  B DT  7  1_555 ? ? ? ? ? ? ?            1.586 ? ? 
hydrog1  hydrog ?    ? A DC  1  N3    ? ? ? 1_555 A DG  12 N1 ? ? A DC  1  A DG  12 3_454 ? ? ? ? ? ? WATSON-CRICK ?     ? ? 
hydrog2  hydrog ?    ? A DC  1  N4    ? ? ? 1_555 A DG  12 O6 ? ? A DC  1  A DG  12 3_454 ? ? ? ? ? ? WATSON-CRICK ?     ? ? 
hydrog3  hydrog ?    ? A DC  1  O2    ? ? ? 1_555 A DG  12 N2 ? ? A DC  1  A DG  12 3_454 ? ? ? ? ? ? WATSON-CRICK ?     ? ? 
hydrog4  hydrog ?    ? A DG  2  N1    ? ? ? 1_555 A DC  11 N3 ? ? A DG  2  A DC  11 3_454 ? ? ? ? ? ? WATSON-CRICK ?     ? ? 
hydrog5  hydrog ?    ? A DG  2  N2    ? ? ? 1_555 A DC  11 O2 ? ? A DG  2  A DC  11 3_454 ? ? ? ? ? ? WATSON-CRICK ?     ? ? 
hydrog6  hydrog ?    ? A DG  2  O6    ? ? ? 1_555 A DC  11 N4 ? ? A DG  2  A DC  11 3_454 ? ? ? ? ? ? WATSON-CRICK ?     ? ? 
hydrog7  hydrog ?    ? A DC  3  N3    ? ? ? 1_555 A DG  10 N1 ? ? A DC  3  A DG  10 3_454 ? ? ? ? ? ? WATSON-CRICK ?     ? ? 
hydrog8  hydrog ?    ? A DC  3  N4    ? ? ? 1_555 A DG  10 O6 ? ? A DC  3  A DG  10 3_454 ? ? ? ? ? ? WATSON-CRICK ?     ? ? 
hydrog9  hydrog ?    ? A DC  3  O2    ? ? ? 1_555 A DG  10 N2 ? ? A DC  3  A DG  10 3_454 ? ? ? ? ? ? WATSON-CRICK ?     ? ? 
hydrog10 hydrog ?    ? A DG  4  N1    ? ? ? 1_555 A DC  9  N3 ? ? A DG  4  A DC  9  3_454 ? ? ? ? ? ? WATSON-CRICK ?     ? ? 
hydrog11 hydrog ?    ? A DG  4  N2    ? ? ? 1_555 A DC  9  O2 ? ? A DG  4  A DC  9  3_454 ? ? ? ? ? ? WATSON-CRICK ?     ? ? 
hydrog12 hydrog ?    ? A DG  4  O6    ? ? ? 1_555 A DC  9  N4 ? ? A DG  4  A DC  9  3_454 ? ? ? ? ? ? WATSON-CRICK ?     ? ? 
hydrog13 hydrog ?    ? A DA  5  N1    ? ? ? 1_555 A DT  8  N3 ? ? A DA  5  A DT  8  3_454 ? ? ? ? ? ? WATSON-CRICK ?     ? ? 
hydrog14 hydrog ?    ? A DA  5  N6    ? ? ? 1_555 A DT  8  O4 ? ? A DA  5  A DT  8  3_454 ? ? ? ? ? ? WATSON-CRICK ?     ? ? 
hydrog15 hydrog ?    ? A DT  8  N3    ? ? ? 1_555 A DA  5  N1 ? ? A DT  8  A DA  5  3_454 ? ? ? ? ? ? WATSON-CRICK ?     ? ? 
hydrog16 hydrog ?    ? A DT  8  O4    ? ? ? 1_555 A DA  5  N6 ? ? A DT  8  A DA  5  3_454 ? ? ? ? ? ? WATSON-CRICK ?     ? ? 
hydrog17 hydrog ?    ? A DC  9  N3    ? ? ? 1_555 A DG  4  N1 ? ? A DC  9  A DG  4  3_454 ? ? ? ? ? ? WATSON-CRICK ?     ? ? 
hydrog18 hydrog ?    ? A DC  9  N4    ? ? ? 1_555 A DG  4  O6 ? ? A DC  9  A DG  4  3_454 ? ? ? ? ? ? WATSON-CRICK ?     ? ? 
hydrog19 hydrog ?    ? A DC  9  O2    ? ? ? 1_555 A DG  4  N2 ? ? A DC  9  A DG  4  3_454 ? ? ? ? ? ? WATSON-CRICK ?     ? ? 
hydrog20 hydrog ?    ? A DG  10 N1    ? ? ? 1_555 A DC  3  N3 ? ? A DG  10 A DC  3  3_454 ? ? ? ? ? ? WATSON-CRICK ?     ? ? 
hydrog21 hydrog ?    ? A DG  10 N2    ? ? ? 1_555 A DC  3  O2 ? ? A DG  10 A DC  3  3_454 ? ? ? ? ? ? WATSON-CRICK ?     ? ? 
hydrog22 hydrog ?    ? A DG  10 O6    ? ? ? 1_555 A DC  3  N4 ? ? A DG  10 A DC  3  3_454 ? ? ? ? ? ? WATSON-CRICK ?     ? ? 
hydrog23 hydrog ?    ? A DC  11 N3    ? ? ? 1_555 A DG  2  N1 ? ? A DC  11 A DG  2  3_454 ? ? ? ? ? ? WATSON-CRICK ?     ? ? 
hydrog24 hydrog ?    ? A DC  11 N4    ? ? ? 1_555 A DG  2  O6 ? ? A DC  11 A DG  2  3_454 ? ? ? ? ? ? WATSON-CRICK ?     ? ? 
hydrog25 hydrog ?    ? A DC  11 O2    ? ? ? 1_555 A DG  2  N2 ? ? A DC  11 A DG  2  3_454 ? ? ? ? ? ? WATSON-CRICK ?     ? ? 
hydrog26 hydrog ?    ? A DG  12 N1    ? ? ? 1_555 A DC  1  N3 ? ? A DG  12 A DC  1  3_454 ? ? ? ? ? ? WATSON-CRICK ?     ? ? 
hydrog27 hydrog ?    ? A DG  12 N2    ? ? ? 1_555 A DC  1  O2 ? ? A DG  12 A DC  1  3_454 ? ? ? ? ? ? WATSON-CRICK ?     ? ? 
hydrog28 hydrog ?    ? A DG  12 O6    ? ? ? 1_555 A DC  1  N4 ? ? A DG  12 A DC  1  3_454 ? ? ? ? ? ? WATSON-CRICK ?     ? ? 
# 
loop_
_struct_conn_type.id 
_struct_conn_type.criteria 
_struct_conn_type.reference 
covale ? ? 
hydrog ? ? 
# 
loop_
_struct_site.id 
_struct_site.pdbx_evidence_code 
_struct_site.pdbx_auth_asym_id 
_struct_site.pdbx_auth_comp_id 
_struct_site.pdbx_auth_seq_id 
_struct_site.pdbx_auth_ins_code 
_struct_site.pdbx_num_residues 
_struct_site.details 
AC1 Software B NCO 101 ? 10 'BINDING SITE FOR RESIDUE NCO B 101' 
AC2 Software B NCO 102 ? 7  'BINDING SITE FOR RESIDUE NCO B 102' 
AC3 Software B NCO 103 ? 4  'BINDING SITE FOR RESIDUE NCO B 103' 
# 
loop_
_struct_site_gen.id 
_struct_site_gen.site_id 
_struct_site_gen.pdbx_num_res 
_struct_site_gen.label_comp_id 
_struct_site_gen.label_asym_id 
_struct_site_gen.label_seq_id 
_struct_site_gen.pdbx_auth_ins_code 
_struct_site_gen.auth_comp_id 
_struct_site_gen.auth_asym_id 
_struct_site_gen.auth_seq_id 
_struct_site_gen.label_atom_id 
_struct_site_gen.label_alt_id 
_struct_site_gen.symmetry 
_struct_site_gen.details 
1  AC1 10 DC  A 3  ? DC  A 3   . ? 3_464 ? 
2  AC1 10 DG  A 4  ? DG  A 4   . ? 3_464 ? 
3  AC1 10 DG  A 12 ? DG  A 12  . ? 4_555 ? 
4  AC1 10 XAR B 6  ? XAR B 6   . ? 1_555 ? 
5  AC1 10 DT  B 7  ? DT  B 7   . ? 1_555 ? 
6  AC1 10 DC  B 9  ? DC  B 9   . ? 4_555 ? 
7  AC1 10 DG  B 10 ? DG  B 10  . ? 4_555 ? 
8  AC1 10 HOH G .  ? HOH B 109 . ? 1_555 ? 
9  AC1 10 HOH G .  ? HOH B 111 . ? 1_555 ? 
10 AC1 10 HOH G .  ? HOH B 112 . ? 1_555 ? 
11 AC2 7  DG  A 2  ? DG  A 2   . ? 2_455 ? 
12 AC2 7  DC  A 9  ? DC  A 9   . ? 4_555 ? 
13 AC2 7  DG  A 10 ? DG  A 10  . ? 4_555 ? 
14 AC2 7  HOH F .  ? HOH A 16  . ? 2_455 ? 
15 AC2 7  DT  B 7  ? DT  B 7   . ? 1_555 ? 
16 AC2 7  HOH G .  ? HOH B 113 . ? 1_555 ? 
17 AC2 7  HOH G .  ? HOH B 127 . ? 1_555 ? 
18 AC3 4  DC  B 3  ? DC  B 3   . ? 2_555 ? 
19 AC3 4  DG  B 4  ? DG  B 4   . ? 2_555 ? 
20 AC3 4  DC  B 11 ? DC  B 11  . ? 1_555 ? 
21 AC3 4  DG  B 12 ? DG  B 12  . ? 1_555 ? 
# 
_atom_sites.entry_id                    2P8D 
_atom_sites.fract_transf_matrix[1][1]   -0.02893171 
_atom_sites.fract_transf_matrix[1][2]   -0.01352190 
_atom_sites.fract_transf_matrix[1][3]   -0.02431241 
_atom_sites.fract_transf_matrix[2][1]   0.01781494 
_atom_sites.fract_transf_matrix[2][2]   -0.00718334 
_atom_sites.fract_transf_matrix[2][3]   -0.01720456 
_atom_sites.fract_transf_matrix[3][1]   0.00083729 
_atom_sites.fract_transf_matrix[3][2]   -0.01343960 
_atom_sites.fract_transf_matrix[3][3]   0.00647837 
_atom_sites.fract_transf_vector[1]      -0.337413 
_atom_sites.fract_transf_vector[2]      -0.187658 
_atom_sites.fract_transf_vector[3]      -0.106609 
# 
loop_
_atom_type.symbol 
C  
CO 
N  
O  
P  
# 
loop_
_atom_site.group_PDB 
_atom_site.id 
_atom_site.type_symbol 
_atom_site.label_atom_id 
_atom_site.label_alt_id 
_atom_site.label_comp_id 
_atom_site.label_asym_id 
_atom_site.label_entity_id 
_atom_site.label_seq_id 
_atom_site.pdbx_PDB_ins_code 
_atom_site.Cartn_x 
_atom_site.Cartn_y 
_atom_site.Cartn_z 
_atom_site.occupancy 
_atom_site.B_iso_or_equiv 
_atom_site.pdbx_formal_charge 
_atom_site.auth_seq_id 
_atom_site.auth_comp_id 
_atom_site.auth_asym_id 
_atom_site.auth_atom_id 
_atom_site.pdbx_PDB_model_num 
ATOM   1   O  "O5'" . DC  A 1 1  ? 5.539   31.179  1.528   1.00 50.90 ? 1   DC  A "O5'" 1 
ATOM   2   C  "C5'" . DC  A 1 1  ? 5.093   32.206  2.381   1.00 48.55 ? 1   DC  A "C5'" 1 
ATOM   3   C  "C4'" . DC  A 1 1  ? 3.719   31.809  2.873   1.00 48.63 ? 1   DC  A "C4'" 1 
ATOM   4   O  "O4'" . DC  A 1 1  ? 2.865   31.545  1.726   1.00 45.99 ? 1   DC  A "O4'" 1 
ATOM   5   C  "C3'" . DC  A 1 1  ? 3.650   30.571  3.778   1.00 48.51 ? 1   DC  A "C3'" 1 
ATOM   6   O  "O3'" . DC  A 1 1  ? 2.926   30.911  4.990   1.00 52.57 ? 1   DC  A "O3'" 1 
ATOM   7   C  "C2'" . DC  A 1 1  ? 2.921   29.520  2.949   1.00 46.05 ? 1   DC  A "C2'" 1 
ATOM   8   C  "C1'" . DC  A 1 1  ? 2.121   30.366  1.958   1.00 41.67 ? 1   DC  A "C1'" 1 
ATOM   9   N  N1    . DC  A 1 1  ? 1.874   29.755  0.626   1.00 39.20 ? 1   DC  A N1    1 
ATOM   10  C  C2    . DC  A 1 1  ? 0.567   29.749  0.110   1.00 37.88 ? 1   DC  A C2    1 
ATOM   11  O  O2    . DC  A 1 1  ? -0.357  30.231  0.759   1.00 36.19 ? 1   DC  A O2    1 
ATOM   12  N  N3    . DC  A 1 1  ? 0.337   29.194  -1.109  1.00 35.71 ? 1   DC  A N3    1 
ATOM   13  C  C4    . DC  A 1 1  ? 1.336   28.645  -1.815  1.00 36.49 ? 1   DC  A C4    1 
ATOM   14  N  N4    . DC  A 1 1  ? 1.033   28.122  -3.023  1.00 36.17 ? 1   DC  A N4    1 
ATOM   15  C  C5    . DC  A 1 1  ? 2.682   28.641  -1.311  1.00 36.61 ? 1   DC  A C5    1 
ATOM   16  C  C6    . DC  A 1 1  ? 2.913   29.198  -0.098  1.00 38.59 ? 1   DC  A C6    1 
ATOM   17  P  P     . DG  A 1 2  ? 2.654   29.805  6.127   1.00 54.93 ? 2   DG  A P     1 
ATOM   18  O  OP1   . DG  A 1 2  ? 2.857   30.466  7.438   1.00 56.84 ? 2   DG  A OP1   1 
ATOM   19  O  OP2   . DG  A 1 2  ? 3.337   28.525  5.750   1.00 54.77 ? 2   DG  A OP2   1 
ATOM   20  O  "O5'" . DG  A 1 2  ? 1.114   29.461  5.923   1.00 51.88 ? 2   DG  A "O5'" 1 
ATOM   21  C  "C5'" . DG  A 1 2  ? 0.072   30.363  6.178   1.00 45.83 ? 2   DG  A "C5'" 1 
ATOM   22  C  "C4'" . DG  A 1 2  ? -1.203  29.621  5.867   1.00 42.33 ? 2   DG  A "C4'" 1 
ATOM   23  O  "O4'" . DG  A 1 2  ? -1.147  29.315  4.468   1.00 38.60 ? 2   DG  A "O4'" 1 
ATOM   24  C  "C3'" . DG  A 1 2  ? -1.354  28.312  6.623   1.00 41.66 ? 2   DG  A "C3'" 1 
ATOM   25  O  "O3'" . DG  A 1 2  ? -2.569  28.271  7.358   1.00 46.16 ? 2   DG  A "O3'" 1 
ATOM   26  C  "C2'" . DG  A 1 2  ? -1.360  27.265  5.535   1.00 40.70 ? 2   DG  A "C2'" 1 
ATOM   27  C  "C1'" . DG  A 1 2  ? -1.716  28.051  4.291   1.00 37.03 ? 2   DG  A "C1'" 1 
ATOM   28  N  N9    . DG  A 1 2  ? -1.032  27.472  3.133   1.00 35.06 ? 2   DG  A N9    1 
ATOM   29  C  C8    . DG  A 1 2  ? 0.289   27.121  3.020   1.00 33.59 ? 2   DG  A C8    1 
ATOM   30  N  N7    . DG  A 1 2  ? 0.557   26.609  1.856   1.00 34.87 ? 2   DG  A N7    1 
ATOM   31  C  C5    . DG  A 1 2  ? -0.646  26.621  1.167   1.00 32.80 ? 2   DG  A C5    1 
ATOM   32  C  C6    . DG  A 1 2  ? -0.967  26.215  -0.157  1.00 33.64 ? 2   DG  A C6    1 
ATOM   33  O  O6    . DG  A 1 2  ? -0.215  25.734  -1.012  1.00 34.12 ? 2   DG  A O6    1 
ATOM   34  N  N1    . DG  A 1 2  ? -2.304  26.404  -0.465  1.00 32.82 ? 2   DG  A N1    1 
ATOM   35  C  C2    . DG  A 1 2  ? -3.228  26.935  0.419   1.00 34.92 ? 2   DG  A C2    1 
ATOM   36  N  N2    . DG  A 1 2  ? -4.487  27.057  -0.002  1.00 34.47 ? 2   DG  A N2    1 
ATOM   37  N  N3    . DG  A 1 2  ? -2.948  27.337  1.654   1.00 33.63 ? 2   DG  A N3    1 
ATOM   38  C  C4    . DG  A 1 2  ? -1.635  27.145  1.954   1.00 33.15 ? 2   DG  A C4    1 
ATOM   39  P  P     . DC  A 1 3  ? -2.992  26.947  8.164   1.00 45.30 ? 3   DC  A P     1 
ATOM   40  O  OP1   . DC  A 1 3  ? -3.180  27.314  9.553   1.00 46.48 ? 3   DC  A OP1   1 
ATOM   41  O  OP2   . DC  A 1 3  ? -2.128  25.816  7.754   1.00 48.76 ? 3   DC  A OP2   1 
ATOM   42  O  "O5'" . DC  A 1 3  ? -4.440  26.622  7.622   1.00 44.14 ? 3   DC  A "O5'" 1 
ATOM   43  C  "C5'" . DC  A 1 3  ? -5.263  27.593  7.075   1.00 40.70 ? 3   DC  A "C5'" 1 
ATOM   44  C  "C4'" . DC  A 1 3  ? -5.977  26.831  5.979   1.00 39.34 ? 3   DC  A "C4'" 1 
ATOM   45  O  "O4'" . DC  A 1 3  ? -4.989  26.537  4.975   1.00 39.25 ? 3   DC  A "O4'" 1 
ATOM   46  C  "C3'" . DC  A 1 3  ? -6.489  25.475  6.423   1.00 39.45 ? 3   DC  A "C3'" 1 
ATOM   47  O  "O3'" . DC  A 1 3  ? -7.875  25.536  6.703   1.00 39.56 ? 3   DC  A "O3'" 1 
ATOM   48  C  "C2'" . DC  A 1 3  ? -6.253  24.557  5.225   1.00 39.10 ? 3   DC  A "C2'" 1 
ATOM   49  C  "C1'" . DC  A 1 3  ? -5.353  25.347  4.297   1.00 37.71 ? 3   DC  A "C1'" 1 
ATOM   50  N  N1    . DC  A 1 3  ? -4.065  24.698  3.898   1.00 36.53 ? 3   DC  A N1    1 
ATOM   51  C  C2    . DC  A 1 3  ? -3.888  24.271  2.576   1.00 34.37 ? 3   DC  A C2    1 
ATOM   52  O  O2    . DC  A 1 3  ? -4.809  24.390  1.768   1.00 35.05 ? 3   DC  A O2    1 
ATOM   53  N  N3    . DC  A 1 3  ? -2.703  23.715  2.232   1.00 32.89 ? 3   DC  A N3    1 
ATOM   54  C  C4    . DC  A 1 3  ? -1.729  23.569  3.125   1.00 34.30 ? 3   DC  A C4    1 
ATOM   55  N  N4    . DC  A 1 3  ? -0.582  23.022  2.709   1.00 35.53 ? 3   DC  A N4    1 
ATOM   56  C  C5    . DC  A 1 3  ? -1.873  23.986  4.474   1.00 34.92 ? 3   DC  A C5    1 
ATOM   57  C  C6    . DC  A 1 3  ? -3.051  24.545  4.804   1.00 34.40 ? 3   DC  A C6    1 
ATOM   58  P  P     . DG  A 1 4  ? -8.592  24.282  7.374   1.00 39.75 ? 4   DG  A P     1 
ATOM   59  O  OP1   . DG  A 1 4  ? -9.664  24.802  8.235   1.00 39.34 ? 4   DG  A OP1   1 
ATOM   60  O  OP2   . DG  A 1 4  ? -7.578  23.389  7.958   1.00 40.93 ? 4   DG  A OP2   1 
ATOM   61  O  "O5'" . DG  A 1 4  ? -9.211  23.523  6.142   1.00 41.45 ? 4   DG  A "O5'" 1 
ATOM   62  C  "C5'" . DG  A 1 4  ? -9.904  24.252  5.161   1.00 43.25 ? 4   DG  A "C5'" 1 
ATOM   63  C  "C4'" . DG  A 1 4  ? -10.288 23.298  4.060   1.00 44.18 ? 4   DG  A "C4'" 1 
ATOM   64  O  "O4'" . DG  A 1 4  ? -9.106  22.909  3.310   1.00 43.69 ? 4   DG  A "O4'" 1 
ATOM   65  C  "C3'" . DG  A 1 4  ? -10.944 21.988  4.503   1.00 46.31 ? 4   DG  A "C3'" 1 
ATOM   66  O  "O3'" . DG  A 1 4  ? -11.892 21.679  3.477   1.00 52.12 ? 4   DG  A "O3'" 1 
ATOM   67  C  "C2'" . DG  A 1 4  ? -9.793  20.975  4.565   1.00 43.99 ? 4   DG  A "C2'" 1 
ATOM   68  C  "C1'" . DG  A 1 4  ? -8.891  21.496  3.442   1.00 40.13 ? 4   DG  A "C1'" 1 
ATOM   69  N  N9    . DG  A 1 4  ? -7.457  21.279  3.675   1.00 38.78 ? 4   DG  A N9    1 
ATOM   70  C  C8    . DG  A 1 4  ? -6.774  21.324  4.868   1.00 37.57 ? 4   DG  A C8    1 
ATOM   71  N  N7    . DG  A 1 4  ? -5.504  21.109  4.715   1.00 36.48 ? 4   DG  A N7    1 
ATOM   72  C  C5    . DG  A 1 4  ? -5.333  20.910  3.356   1.00 36.39 ? 4   DG  A C5    1 
ATOM   73  C  C6    . DG  A 1 4  ? -4.169  20.617  2.606   1.00 37.15 ? 4   DG  A C6    1 
ATOM   74  O  O6    . DG  A 1 4  ? -3.014  20.504  3.052   1.00 37.83 ? 4   DG  A O6    1 
ATOM   75  N  N1    . DG  A 1 4  ? -4.452  20.490  1.243   1.00 36.74 ? 4   DG  A N1    1 
ATOM   76  C  C2    . DG  A 1 4  ? -5.696  20.613  0.677   1.00 37.52 ? 4   DG  A C2    1 
ATOM   77  N  N2    . DG  A 1 4  ? -5.836  20.453  -0.643  1.00 37.23 ? 4   DG  A N2    1 
ATOM   78  N  N3    . DG  A 1 4  ? -6.779  20.881  1.370   1.00 37.41 ? 4   DG  A N3    1 
ATOM   79  C  C4    . DG  A 1 4  ? -6.523  21.007  2.698   1.00 37.54 ? 4   DG  A C4    1 
ATOM   80  P  P     . DA  A 1 5  ? -12.663 20.270  3.445   1.00 53.30 ? 5   DA  A P     1 
ATOM   81  O  OP1   . DA  A 1 5  ? -14.025 20.529  2.930   1.00 55.02 ? 5   DA  A OP1   1 
ATOM   82  O  OP2   . DA  A 1 5  ? -12.437 19.567  4.729   1.00 52.92 ? 5   DA  A OP2   1 
ATOM   83  O  "O5'" . DA  A 1 5  ? -11.857 19.454  2.321   1.00 51.74 ? 5   DA  A "O5'" 1 
ATOM   84  C  "C5'" . DA  A 1 5  ? -11.633 19.991  1.009   1.00 49.72 ? 5   DA  A "C5'" 1 
ATOM   85  C  "C4'" . DA  A 1 5  ? -10.907 18.931  0.213   1.00 48.20 ? 5   DA  A "C4'" 1 
ATOM   86  O  "O4'" . DA  A 1 5  ? -9.535  18.798  0.648   1.00 45.48 ? 5   DA  A "O4'" 1 
ATOM   87  C  "C3'" . DA  A 1 5  ? -11.476 17.533  0.357   1.00 49.73 ? 5   DA  A "C3'" 1 
ATOM   88  O  "O3'" . DA  A 1 5  ? -11.308 16.962  -0.899  1.00 54.69 ? 5   DA  A "O3'" 1 
ATOM   89  C  "C2'" . DA  A 1 5  ? -10.589 16.824  1.387   1.00 46.90 ? 5   DA  A "C2'" 1 
ATOM   90  C  "C1'" . DA  A 1 5  ? -9.245  17.464  1.060   1.00 40.48 ? 5   DA  A "C1'" 1 
ATOM   91  N  N9    . DA  A 1 5  ? -8.236  17.512  2.143   1.00 39.75 ? 5   DA  A N9    1 
ATOM   92  C  C8    . DA  A 1 5  ? -8.428  17.691  3.498   1.00 37.71 ? 5   DA  A C8    1 
ATOM   93  N  N7    . DA  A 1 5  ? -7.316  17.691  4.198   1.00 38.89 ? 5   DA  A N7    1 
ATOM   94  C  C5    . DA  A 1 5  ? -6.311  17.527  3.235   1.00 38.54 ? 5   DA  A C5    1 
ATOM   95  C  C6    . DA  A 1 5  ? -4.894  17.456  3.306   1.00 37.02 ? 5   DA  A C6    1 
ATOM   96  N  N6    . DA  A 1 5  ? -4.183  17.531  4.429   1.00 36.66 ? 5   DA  A N6    1 
ATOM   97  N  N1    . DA  A 1 5  ? -4.219  17.265  2.151   1.00 38.31 ? 5   DA  A N1    1 
ATOM   98  C  C2    . DA  A 1 5  ? -4.886  17.167  0.984   1.00 37.15 ? 5   DA  A C2    1 
ATOM   99  N  N3    . DA  A 1 5  ? -6.208  17.237  0.798   1.00 37.67 ? 5   DA  A N3    1 
ATOM   100 C  C4    . DA  A 1 5  ? -6.871  17.411  1.965   1.00 37.84 ? 5   DA  A C4    1 
HETATM 101 O  O1P   . XAR A 1 6  ? -12.820 16.398  -2.762  1.00 57.55 ? 6   XAR A O1P   1 
HETATM 102 P  P     . XAR A 1 6  ? -12.396 15.933  -1.439  1.00 56.52 ? 6   XAR A P     1 
HETATM 103 O  O2P   . XAR A 1 6  ? -13.297 15.600  -0.311  1.00 57.04 ? 6   XAR A O2P   1 
HETATM 104 O  "O5'" . XAR A 1 6  ? -11.529 14.598  -1.675  1.00 57.52 ? 6   XAR A "O5'" 1 
HETATM 105 C  "C5'" . XAR A 1 6  ? -11.041 14.228  -2.955  1.00 54.27 ? 6   XAR A "C5'" 1 
HETATM 106 C  "C4'" . XAR A 1 6  ? -9.593  13.777  -2.895  1.00 52.21 ? 6   XAR A "C4'" 1 
HETATM 107 C  "C3'" . XAR A 1 6  ? -9.418  12.421  -2.214  1.00 52.77 ? 6   XAR A "C3'" 1 
HETATM 108 O  "O3'" . XAR A 1 6  ? -8.298  11.837  -2.875  1.00 57.26 ? 6   XAR A "O3'" 1 
HETATM 109 C  "C2'" . XAR A 1 6  ? -9.060  12.578  -0.740  1.00 50.37 ? 6   XAR A "C2'" 1 
HETATM 110 C  "C1'" . XAR A 1 6  ? -7.707  13.289  -0.591  1.00 44.41 ? 6   XAR A "C1'" 1 
HETATM 111 C  "C7'" . XAR A 1 6  ? -7.791  14.608  -1.322  1.00 46.50 ? 6   XAR A "C7'" 1 
HETATM 112 C  "C6'" . XAR A 1 6  ? -8.641  14.822  -2.325  1.00 50.42 ? 6   XAR A "C6'" 1 
HETATM 113 N  N9    . XAR A 1 6  ? -7.401  13.553  0.815   1.00 42.85 ? 6   XAR A N9    1 
HETATM 114 C  C8    . XAR A 1 6  ? -8.290  13.793  1.832   1.00 42.02 ? 6   XAR A C8    1 
HETATM 115 N  N7    . XAR A 1 6  ? -7.712  14.004  2.993   1.00 40.62 ? 6   XAR A N7    1 
HETATM 116 C  C5    . XAR A 1 6  ? -6.369  13.917  2.726   1.00 39.56 ? 6   XAR A C5    1 
HETATM 117 C  C4    . XAR A 1 6  ? -6.143  13.640  1.393   1.00 41.42 ? 6   XAR A C4    1 
HETATM 118 N  N3    . XAR A 1 6  ? -4.940  13.491  0.798   1.00 41.01 ? 6   XAR A N3    1 
HETATM 119 C  C6    . XAR A 1 6  ? -5.246  14.056  3.543   1.00 40.06 ? 6   XAR A C6    1 
HETATM 120 N  N6    . XAR A 1 6  ? -5.335  14.349  4.838   1.00 41.49 ? 6   XAR A N6    1 
HETATM 121 N  N1    . XAR A 1 6  ? -4.029  13.889  2.980   1.00 40.70 ? 6   XAR A N1    1 
HETATM 122 C  C2    . XAR A 1 6  ? -3.940  13.628  1.673   1.00 40.23 ? 6   XAR A C2    1 
ATOM   123 P  P     . DT  A 1 7  ? -8.303  10.292  -3.289  1.00 57.37 ? 7   DT  A P     1 
ATOM   124 O  OP1   . DT  A 1 7  ? -8.795  10.203  -4.681  1.00 58.67 ? 7   DT  A OP1   1 
ATOM   125 O  OP2   . DT  A 1 7  ? -8.948  9.541   -2.194  1.00 57.74 ? 7   DT  A OP2   1 
ATOM   126 O  "O5'" . DT  A 1 7  ? -6.763  9.905   -3.276  1.00 54.80 ? 7   DT  A "O5'" 1 
ATOM   127 C  "C5'" . DT  A 1 7  ? -5.774  10.709  -3.880  1.00 51.55 ? 7   DT  A "C5'" 1 
ATOM   128 C  "C4'" . DT  A 1 7  ? -4.506  10.448  -3.111  1.00 49.23 ? 7   DT  A "C4'" 1 
ATOM   129 O  "O4'" . DT  A 1 7  ? -4.759  10.884  -1.760  1.00 47.18 ? 7   DT  A "O4'" 1 
ATOM   130 C  "C3'" . DT  A 1 7  ? -4.115  8.967   -2.998  1.00 48.70 ? 7   DT  A "C3'" 1 
ATOM   131 O  "O3'" . DT  A 1 7  ? -2.745  8.810   -3.323  1.00 49.41 ? 7   DT  A "O3'" 1 
ATOM   132 C  "C2'" . DT  A 1 7  ? -4.358  8.597   -1.536  1.00 47.14 ? 7   DT  A "C2'" 1 
ATOM   133 C  "C1'" . DT  A 1 7  ? -4.189  9.957   -0.862  1.00 44.03 ? 7   DT  A "C1'" 1 
ATOM   134 N  N1    . DT  A 1 7  ? -4.859  10.107  0.488   1.00 41.52 ? 7   DT  A N1    1 
ATOM   135 C  C2    . DT  A 1 7  ? -4.046  10.329  1.586   1.00 39.42 ? 7   DT  A C2    1 
ATOM   136 O  O2    . DT  A 1 7  ? -2.831  10.380  1.510   1.00 39.79 ? 7   DT  A O2    1 
ATOM   137 N  N3    . DT  A 1 7  ? -4.712  10.462  2.788   1.00 39.33 ? 7   DT  A N3    1 
ATOM   138 C  C4    . DT  A 1 7  ? -6.081  10.392  2.974   1.00 39.97 ? 7   DT  A C4    1 
ATOM   139 O  O4    . DT  A 1 7  ? -6.557  10.524  4.094   1.00 40.77 ? 7   DT  A O4    1 
ATOM   140 C  C5    . DT  A 1 7  ? -6.880  10.162  1.785   1.00 39.40 ? 7   DT  A C5    1 
ATOM   141 C  C7    . DT  A 1 7  ? -8.380  10.091  1.844   1.00 39.28 ? 7   DT  A C7    1 
ATOM   142 C  C6    . DT  A 1 7  ? -6.240  10.035  0.610   1.00 39.96 ? 7   DT  A C6    1 
ATOM   143 P  P     . DT  A 1 8  ? -2.107  7.349   -3.508  1.00 49.09 ? 8   DT  A P     1 
ATOM   144 O  OP1   . DT  A 1 8  ? -1.156  7.412   -4.636  1.00 50.72 ? 8   DT  A OP1   1 
ATOM   145 O  OP2   . DT  A 1 8  ? -3.190  6.345   -3.520  1.00 48.48 ? 8   DT  A OP2   1 
ATOM   146 O  "O5'" . DT  A 1 8  ? -1.273  7.166   -2.179  1.00 48.42 ? 8   DT  A "O5'" 1 
ATOM   147 C  "C5'" . DT  A 1 8  ? -0.121  7.946   -2.005  1.00 48.12 ? 8   DT  A "C5'" 1 
ATOM   148 C  "C4'" . DT  A 1 8  ? 0.252   7.702   -0.583  1.00 46.85 ? 8   DT  A "C4'" 1 
ATOM   149 O  "O4'" . DT  A 1 8  ? -0.902  7.857   0.273   1.00 46.05 ? 8   DT  A "O4'" 1 
ATOM   150 C  "C3'" . DT  A 1 8  ? 0.627   6.250   -0.426  1.00 48.31 ? 8   DT  A "C3'" 1 
ATOM   151 O  "O3'" . DT  A 1 8  ? 1.975   6.271   -0.104  1.00 51.52 ? 8   DT  A "O3'" 1 
ATOM   152 C  "C2'" . DT  A 1 8  ? -0.251  5.691   0.709   1.00 45.34 ? 8   DT  A "C2'" 1 
ATOM   153 C  "C1'" . DT  A 1 8  ? -0.739  6.962   1.365   1.00 41.80 ? 8   DT  A "C1'" 1 
ATOM   154 N  N1    . DT  A 1 8  ? -2.058  6.984   2.027   1.00 38.98 ? 8   DT  A N1    1 
ATOM   155 C  C2    . DT  A 1 8  ? -2.080  7.328   3.350   1.00 39.05 ? 8   DT  A C2    1 
ATOM   156 O  O2    . DT  A 1 8  ? -1.055  7.524   3.995   1.00 39.27 ? 8   DT  A O2    1 
ATOM   157 N  N3    . DT  A 1 8  ? -3.345  7.372   3.894   1.00 38.07 ? 8   DT  A N3    1 
ATOM   158 C  C4    . DT  A 1 8  ? -4.551  7.156   3.235   1.00 39.40 ? 8   DT  A C4    1 
ATOM   159 O  O4    . DT  A 1 8  ? -5.633  7.242   3.810   1.00 40.36 ? 8   DT  A O4    1 
ATOM   160 C  C5    . DT  A 1 8  ? -4.444  6.824   1.829   1.00 38.92 ? 8   DT  A C5    1 
ATOM   161 C  C7    . DT  A 1 8  ? -5.639  6.399   1.035   1.00 40.79 ? 8   DT  A C7    1 
ATOM   162 C  C6    . DT  A 1 8  ? -3.216  6.767   1.309   1.00 38.21 ? 8   DT  A C6    1 
ATOM   163 P  P     . DC  A 1 9  ? 2.783   4.900   -0.010  1.00 54.64 ? 9   DC  A P     1 
ATOM   164 O  OP1   . DC  A 1 9  ? 4.194   5.188   -0.387  1.00 54.70 ? 9   DC  A OP1   1 
ATOM   165 O  OP2   . DC  A 1 9  ? 1.990   3.862   -0.721  1.00 52.12 ? 9   DC  A OP2   1 
ATOM   166 O  "O5'" . DC  A 1 9  ? 2.775   4.617   1.567   1.00 52.27 ? 9   DC  A "O5'" 1 
ATOM   167 C  "C5'" . DC  A 1 9  ? 3.135   5.638   2.478   1.00 48.79 ? 9   DC  A "C5'" 1 
ATOM   168 C  "C4'" . DC  A 1 9  ? 2.919   5.142   3.890   1.00 46.94 ? 9   DC  A "C4'" 1 
ATOM   169 O  "O4'" . DC  A 1 9  ? 1.508   5.187   4.201   1.00 44.12 ? 9   DC  A "O4'" 1 
ATOM   170 C  "C3'" . DC  A 1 9  ? 3.354   3.709   4.147   1.00 46.96 ? 9   DC  A "C3'" 1 
ATOM   171 O  "O3'" . DC  A 1 9  ? 4.208   3.803   5.262   1.00 50.20 ? 9   DC  A "O3'" 1 
ATOM   172 C  "C2'" . DC  A 1 9  ? 2.044   2.938   4.402   1.00 43.69 ? 9   DC  A "C2'" 1 
ATOM   173 C  "C1'" . DC  A 1 9  ? 1.177   4.054   4.977   1.00 39.94 ? 9   DC  A "C1'" 1 
ATOM   174 N  N1    . DC  A 1 9  ? -0.297  4.004   4.789   1.00 35.88 ? 9   DC  A N1    1 
ATOM   175 C  C2    . DC  A 1 9  ? -1.126  4.260   5.894   1.00 35.13 ? 9   DC  A C2    1 
ATOM   176 O  O2    . DC  A 1 9  ? -0.603  4.446   7.008   1.00 36.37 ? 9   DC  A O2    1 
ATOM   177 N  N3    . DC  A 1 9  ? -2.486  4.255   5.688   1.00 36.32 ? 9   DC  A N3    1 
ATOM   178 C  C4    . DC  A 1 9  ? -3.006  4.039   4.470   1.00 36.37 ? 9   DC  A C4    1 
ATOM   179 N  N4    . DC  A 1 9  ? -4.344  4.042   4.327   1.00 35.76 ? 9   DC  A N4    1 
ATOM   180 C  C5    . DC  A 1 9  ? -2.152  3.783   3.344   1.00 36.62 ? 9   DC  A C5    1 
ATOM   181 C  C6    . DC  A 1 9  ? -0.828  3.793   3.551   1.00 34.89 ? 9   DC  A C6    1 
ATOM   182 P  P     . DG  A 1 10 ? 5.274   2.653   5.565   1.00 53.95 ? 10  DG  A P     1 
ATOM   183 O  OP1   . DG  A 1 10 ? 6.436   3.272   6.238   1.00 55.21 ? 10  DG  A OP1   1 
ATOM   184 O  OP2   . DG  A 1 10 ? 5.404   1.840   4.339   1.00 53.67 ? 10  DG  A OP2   1 
ATOM   185 O  "O5'" . DG  A 1 10 ? 4.547   1.777   6.688   1.00 51.83 ? 10  DG  A "O5'" 1 
ATOM   186 C  "C5'" . DG  A 1 10 ? 4.276   2.369   7.941   1.00 49.78 ? 10  DG  A "C5'" 1 
ATOM   187 C  "C4'" . DG  A 1 10 ? 3.354   1.454   8.715   1.00 48.93 ? 10  DG  A "C4'" 1 
ATOM   188 O  "O4'" . DG  A 1 10 ? 2.014   1.562   8.185   1.00 47.09 ? 10  DG  A "O4'" 1 
ATOM   189 C  "C3'" . DG  A 1 10 ? 3.688   -0.032  8.644   1.00 48.70 ? 10  DG  A "C3'" 1 
ATOM   190 O  "O3'" . DG  A 1 10 ? 3.356   -0.502  9.906   1.00 50.40 ? 10  DG  A "O3'" 1 
ATOM   191 C  "C2'" . DG  A 1 10 ? 2.732   -0.589  7.585   1.00 45.99 ? 10  DG  A "C2'" 1 
ATOM   192 C  "C1'" . DG  A 1 10 ? 1.522   0.257   7.961   1.00 42.51 ? 10  DG  A "C1'" 1 
ATOM   193 N  N9    . DG  A 1 10 ? 0.441   0.368   6.999   1.00 40.36 ? 10  DG  A N9    1 
ATOM   194 C  C8    . DG  A 1 10 ? 0.446   0.157   5.640   1.00 39.23 ? 10  DG  A C8    1 
ATOM   195 N  N7    . DG  A 1 10 ? -0.729  0.359   5.106   1.00 39.91 ? 10  DG  A N7    1 
ATOM   196 C  C5    . DG  A 1 10 ? -1.553  0.720   6.174   1.00 39.61 ? 10  DG  A C5    1 
ATOM   197 C  C6    . DG  A 1 10 ? -2.931  1.066   6.224   1.00 39.58 ? 10  DG  A C6    1 
ATOM   198 O  O6    . DG  A 1 10 ? -3.742  1.129   5.294   1.00 40.02 ? 10  DG  A O6    1 
ATOM   199 N  N1    . DG  A 1 10 ? -3.356  1.367   7.521   1.00 38.94 ? 10  DG  A N1    1 
ATOM   200 C  C2    . DG  A 1 10 ? -2.555  1.345   8.638   1.00 39.52 ? 10  DG  A C2    1 
ATOM   201 N  N2    . DG  A 1 10 ? -3.144  1.676   9.790   1.00 39.60 ? 10  DG  A N2    1 
ATOM   202 N  N3    . DG  A 1 10 ? -1.268  1.029   8.626   1.00 39.53 ? 10  DG  A N3    1 
ATOM   203 C  C4    . DG  A 1 10 ? -0.842  0.729   7.354   1.00 40.42 ? 10  DG  A C4    1 
ATOM   204 P  P     . DC  A 1 11 ? 4.377   -1.409  10.718  1.00 53.86 ? 11  DC  A P     1 
ATOM   205 O  OP1   . DC  A 1 11 ? 5.632   -0.653  10.854  1.00 55.38 ? 11  DC  A OP1   1 
ATOM   206 O  OP2   . DC  A 1 11 ? 4.377   -2.750  10.096  1.00 52.50 ? 11  DC  A OP2   1 
ATOM   207 O  "O5'" . DC  A 1 11 ? 3.696   -1.478  12.173  1.00 52.66 ? 11  DC  A "O5'" 1 
ATOM   208 C  "C5'" . DC  A 1 11 ? 3.046   -0.314  12.764  1.00 51.82 ? 11  DC  A "C5'" 1 
ATOM   209 C  "C4'" . DC  A 1 11 ? 1.736   -0.686  13.459  1.00 51.21 ? 11  DC  A "C4'" 1 
ATOM   210 O  "O4'" . DC  A 1 11 ? 0.602   -0.569  12.540  1.00 49.46 ? 11  DC  A "O4'" 1 
ATOM   211 C  "C3'" . DC  A 1 11 ? 1.713   -2.125  13.986  1.00 52.31 ? 11  DC  A "C3'" 1 
ATOM   212 O  "O3'" . DC  A 1 11 ? 1.111   -2.252  15.274  1.00 54.75 ? 11  DC  A "O3'" 1 
ATOM   213 C  "C2'" . DC  A 1 11 ? 0.904   -2.870  12.923  1.00 50.22 ? 11  DC  A "C2'" 1 
ATOM   214 C  "C1'" . DC  A 1 11 ? -0.088  -1.807  12.467  1.00 45.40 ? 11  DC  A "C1'" 1 
ATOM   215 N  N1    . DC  A 1 11 ? -0.517  -2.043  11.070  1.00 42.23 ? 11  DC  A N1    1 
ATOM   216 C  C2    . DC  A 1 11 ? -1.849  -1.845  10.676  1.00 40.21 ? 11  DC  A C2    1 
ATOM   217 O  O2    . DC  A 1 11 ? -2.707  -1.464  11.487  1.00 39.06 ? 11  DC  A O2    1 
ATOM   218 N  N3    . DC  A 1 11 ? -2.144  -2.076  9.375   1.00 39.37 ? 11  DC  A N3    1 
ATOM   219 C  C4    . DC  A 1 11 ? -1.204  -2.492  8.510   1.00 39.82 ? 11  DC  A C4    1 
ATOM   220 N  N4    . DC  A 1 11 ? -1.553  -2.702  7.238   1.00 40.91 ? 11  DC  A N4    1 
ATOM   221 C  C5    . DC  A 1 11 ? 0.132   -2.712  8.895   1.00 38.83 ? 11  DC  A C5    1 
ATOM   222 C  C6    . DC  A 1 11 ? 0.419   -2.467  10.174  1.00 40.93 ? 11  DC  A C6    1 
ATOM   223 P  P     . DG  A 1 12 ? 1.176   -3.659  16.051  1.00 58.33 ? 12  DG  A P     1 
ATOM   224 O  OP1   . DG  A 1 12 ? 1.712   -3.388  17.405  1.00 60.55 ? 12  DG  A OP1   1 
ATOM   225 O  OP2   . DG  A 1 12 ? 1.800   -4.680  15.167  1.00 58.66 ? 12  DG  A OP2   1 
ATOM   226 O  "O5'" . DG  A 1 12 ? -0.354  -4.071  16.200  1.00 56.49 ? 12  DG  A "O5'" 1 
ATOM   227 C  "C5'" . DG  A 1 12 ? -1.249  -3.281  16.993  1.00 53.24 ? 12  DG  A "C5'" 1 
ATOM   228 C  "C4'" . DG  A 1 12 ? -2.680  -3.747  16.774  1.00 48.69 ? 12  DG  A "C4'" 1 
ATOM   229 O  "O4'" . DG  A 1 12 ? -3.166  -3.251  15.488  1.00 45.46 ? 12  DG  A "O4'" 1 
ATOM   230 C  "C3'" . DG  A 1 12 ? -2.759  -5.267  16.669  1.00 48.25 ? 12  DG  A "C3'" 1 
ATOM   231 O  "O3'" . DG  A 1 12 ? -2.830  -5.933  17.967  1.00 51.44 ? 12  DG  A "O3'" 1 
ATOM   232 C  "C2'" . DG  A 1 12 ? -3.991  -5.457  15.794  1.00 44.09 ? 12  DG  A "C2'" 1 
ATOM   233 C  "C1'" . DG  A 1 12 ? -3.881  -4.279  14.841  1.00 38.32 ? 12  DG  A "C1'" 1 
ATOM   234 N  N9    . DG  A 1 12 ? -3.257  -4.605  13.544  1.00 37.18 ? 12  DG  A N9    1 
ATOM   235 C  C8    . DG  A 1 12 ? -1.944  -4.907  13.265  1.00 35.09 ? 12  DG  A C8    1 
ATOM   236 N  N7    . DG  A 1 12 ? -1.713  -5.142  12.007  1.00 33.78 ? 12  DG  A N7    1 
ATOM   237 C  C5    . DG  A 1 12 ? -2.966  -5.005  11.409  1.00 35.36 ? 12  DG  A C5    1 
ATOM   238 C  C6    . DG  A 1 12 ? -3.358  -5.121  10.049  1.00 34.44 ? 12  DG  A C6    1 
ATOM   239 O  O6    . DG  A 1 12 ? -2.629  -5.394  9.073   1.00 35.74 ? 12  DG  A O6    1 
ATOM   240 N  N1    . DG  A 1 12 ? -4.726  -4.888  9.865   1.00 34.10 ? 12  DG  A N1    1 
ATOM   241 C  C2    . DG  A 1 12 ? -5.624  -4.566  10.873  1.00 35.27 ? 12  DG  A C2    1 
ATOM   242 N  N2    . DG  A 1 12 ? -6.912  -4.370  10.522  1.00 35.10 ? 12  DG  A N2    1 
ATOM   243 N  N3    . DG  A 1 12 ? -5.258  -4.429  12.150  1.00 35.18 ? 12  DG  A N3    1 
ATOM   244 C  C4    . DG  A 1 12 ? -3.928  -4.671  12.348  1.00 34.36 ? 12  DG  A C4    1 
ATOM   245 O  "O5'" . DG  B 1 2  ? -8.290  3.533   -11.928 1.00 57.93 ? 2   DG  B "O5'" 1 
ATOM   246 C  "C5'" . DG  B 1 2  ? -6.980  3.799   -12.472 1.00 55.19 ? 2   DG  B "C5'" 1 
ATOM   247 C  "C4'" . DG  B 1 2  ? -6.016  2.630   -12.294 1.00 53.38 ? 2   DG  B "C4'" 1 
ATOM   248 O  "O4'" . DG  B 1 2  ? -4.639  3.064   -12.063 1.00 50.48 ? 2   DG  B "O4'" 1 
ATOM   249 C  "C3'" . DG  B 1 2  ? -6.300  1.593   -11.200 1.00 52.13 ? 2   DG  B "C3'" 1 
ATOM   250 O  "O3'" . DG  B 1 2  ? -5.973  0.380   -11.763 1.00 53.93 ? 2   DG  B "O3'" 1 
ATOM   251 C  "C2'" . DG  B 1 2  ? -5.199  1.849   -10.198 1.00 49.30 ? 2   DG  B "C2'" 1 
ATOM   252 C  "C1'" . DG  B 1 2  ? -4.078  2.078   -11.210 1.00 45.06 ? 2   DG  B "C1'" 1 
ATOM   253 N  N9    . DG  B 1 2  ? -2.779  2.443   -10.637 1.00 42.48 ? 2   DG  B N9    1 
ATOM   254 C  C8    . DG  B 1 2  ? -2.525  2.846   -9.340  1.00 43.43 ? 2   DG  B C8    1 
ATOM   255 N  N7    . DG  B 1 2  ? -1.269  3.102   -9.095  1.00 42.94 ? 2   DG  B N7    1 
ATOM   256 C  C5    . DG  B 1 2  ? -0.650  2.832   -10.313 1.00 42.26 ? 2   DG  B C5    1 
ATOM   257 C  C6    . DG  B 1 2  ? 0.714   2.914   -10.663 1.00 42.46 ? 2   DG  B C6    1 
ATOM   258 O  O6    . DG  B 1 2  ? 1.650   3.253   -9.933  1.00 42.90 ? 2   DG  B O6    1 
ATOM   259 N  N1    . DG  B 1 2  ? 0.957   2.564   -11.990 1.00 42.15 ? 2   DG  B N1    1 
ATOM   260 C  C2    . DG  B 1 2  ? -0.020  2.177   -12.883 1.00 42.66 ? 2   DG  B C2    1 
ATOM   261 N  N2    . DG  B 1 2  ? 0.399   1.871   -14.117 1.00 41.89 ? 2   DG  B N2    1 
ATOM   262 N  N3    . DG  B 1 2  ? -1.315  2.085   -12.568 1.00 42.36 ? 2   DG  B N3    1 
ATOM   263 C  C4    . DG  B 1 2  ? -1.560  2.423   -11.266 1.00 42.29 ? 2   DG  B C4    1 
ATOM   264 P  P     . DC  B 1 3  ? -7.098  -0.696  -12.122 1.00 54.31 ? 3   DC  B P     1 
ATOM   265 O  OP1   . DC  B 1 3  ? -8.237  0.008   -12.758 1.00 53.17 ? 3   DC  B OP1   1 
ATOM   266 O  OP2   . DC  B 1 3  ? -7.245  -1.578  -10.949 1.00 54.11 ? 3   DC  B OP2   1 
ATOM   267 O  "O5'" . DC  B 1 3  ? -6.377  -1.562  -13.255 1.00 50.00 ? 3   DC  B "O5'" 1 
ATOM   268 C  "C5'" . DC  B 1 3  ? -5.961  -1.041  -14.506 1.00 46.49 ? 3   DC  B "C5'" 1 
ATOM   269 C  "C4'" . DC  B 1 3  ? -4.609  -1.654  -14.835 1.00 44.54 ? 3   DC  B "C4'" 1 
ATOM   270 O  "O4'" . DC  B 1 3  ? -3.604  -1.077  -13.956 1.00 42.35 ? 3   DC  B "O4'" 1 
ATOM   271 C  "C3'" . DC  B 1 3  ? -4.515  -3.169  -14.630 1.00 46.05 ? 3   DC  B "C3'" 1 
ATOM   272 O  "O3'" . DC  B 1 3  ? -4.419  -3.813  -15.898 1.00 49.49 ? 3   DC  B "O3'" 1 
ATOM   273 C  "C2'" . DC  B 1 3  ? -3.286  -3.427  -13.745 1.00 43.16 ? 3   DC  B "C2'" 1 
ATOM   274 C  "C1'" . DC  B 1 3  ? -2.604  -2.061  -13.681 1.00 42.16 ? 3   DC  B "C1'" 1 
ATOM   275 N  N1    . DC  B 1 3  ? -1.980  -1.649  -12.360 1.00 40.23 ? 3   DC  B N1    1 
ATOM   276 C  C2    . DC  B 1 3  ? -0.611  -1.344  -12.350 1.00 39.45 ? 3   DC  B C2    1 
ATOM   277 O  O2    . DC  B 1 3  ? 0.039   -1.457  -13.405 1.00 38.52 ? 3   DC  B O2    1 
ATOM   278 N  N3    . DC  B 1 3  ? -0.042  -0.946  -11.176 1.00 37.68 ? 3   DC  B N3    1 
ATOM   279 C  C4    . DC  B 1 3  ? -0.773  -0.816  -10.074 1.00 37.54 ? 3   DC  B C4    1 
ATOM   280 N  N4    . DC  B 1 3  ? -0.138  -0.394  -8.964  1.00 38.44 ? 3   DC  B N4    1 
ATOM   281 C  C5    . DC  B 1 3  ? -2.175  -1.122  -10.072 1.00 38.72 ? 3   DC  B C5    1 
ATOM   282 C  C6    . DC  B 1 3  ? -2.736  -1.532  -11.223 1.00 38.59 ? 3   DC  B C6    1 
ATOM   283 P  P     . DG  B 1 4  ? -4.340  -5.408  -15.994 1.00 52.78 ? 4   DG  B P     1 
ATOM   284 O  OP1   . DG  B 1 4  ? -4.875  -5.813  -17.325 1.00 53.37 ? 4   DG  B OP1   1 
ATOM   285 O  OP2   . DG  B 1 4  ? -4.778  -5.993  -14.708 1.00 50.45 ? 4   DG  B OP2   1 
ATOM   286 O  "O5'" . DG  B 1 4  ? -2.783  -5.666  -16.019 1.00 49.95 ? 4   DG  B "O5'" 1 
ATOM   287 C  "C5'" . DG  B 1 4  ? -1.963  -5.286  -17.086 1.00 48.63 ? 4   DG  B "C5'" 1 
ATOM   288 C  "C4'" . DG  B 1 4  ? -0.619  -5.853  -16.688 1.00 48.09 ? 4   DG  B "C4'" 1 
ATOM   289 O  "O4'" . DG  B 1 4  ? -0.281  -5.316  -15.394 1.00 46.41 ? 4   DG  B "O4'" 1 
ATOM   290 C  "C3'" . DG  B 1 4  ? -0.555  -7.370  -16.490 1.00 48.89 ? 4   DG  B "C3'" 1 
ATOM   291 O  "O3'" . DG  B 1 4  ? 0.669   -7.749  -17.135 1.00 51.50 ? 4   DG  B "O3'" 1 
ATOM   292 C  "C2'" . DG  B 1 4  ? -0.584  -7.581  -14.967 1.00 46.08 ? 4   DG  B "C2'" 1 
ATOM   293 C  "C1'" . DG  B 1 4  ? 0.167   -6.336  -14.517 1.00 42.20 ? 4   DG  B "C1'" 1 
ATOM   294 N  N9    . DG  B 1 4  ? -0.124  -5.802  -13.181 1.00 40.71 ? 4   DG  B N9    1 
ATOM   295 C  C8    . DG  B 1 4  ? -1.329  -5.785  -12.510 1.00 39.96 ? 4   DG  B C8    1 
ATOM   296 N  N7    . DG  B 1 4  ? -1.249  -5.199  -11.338 1.00 39.42 ? 4   DG  B N7    1 
ATOM   297 C  C5    . DG  B 1 4  ? 0.080   -4.793  -11.230 1.00 38.59 ? 4   DG  B C5    1 
ATOM   298 C  C6    . DG  B 1 4  ? 0.767   -4.095  -10.191 1.00 39.25 ? 4   DG  B C6    1 
ATOM   299 O  O6    . DG  B 1 4  ? 0.334   -3.700  -9.094  1.00 39.44 ? 4   DG  B O6    1 
ATOM   300 N  N1    . DG  B 1 4  ? 2.118   -3.873  -10.507 1.00 39.19 ? 4   DG  B N1    1 
ATOM   301 C  C2    . DG  B 1 4  ? 2.721   -4.278  -11.685 1.00 39.38 ? 4   DG  B C2    1 
ATOM   302 N  N2    . DG  B 1 4  ? 4.009   -4.010  -11.814 1.00 39.57 ? 4   DG  B N2    1 
ATOM   303 N  N3    . DG  B 1 4  ? 2.097   -4.920  -12.658 1.00 39.32 ? 4   DG  B N3    1 
ATOM   304 C  C4    . DG  B 1 4  ? 0.779   -5.151  -12.365 1.00 39.18 ? 4   DG  B C4    1 
ATOM   305 P  P     . DA  B 1 5  ? 1.185   -9.265  -17.155 1.00 53.26 ? 5   DA  B P     1 
ATOM   306 O  OP1   . DA  B 1 5  ? 1.994   -9.430  -18.397 1.00 54.11 ? 5   DA  B OP1   1 
ATOM   307 O  OP2   . DA  B 1 5  ? 0.074   -10.161 -16.746 1.00 52.14 ? 5   DA  B OP2   1 
ATOM   308 O  "O5'" . DA  B 1 5  ? 2.217   -9.295  -15.920 1.00 50.72 ? 5   DA  B "O5'" 1 
ATOM   309 C  "C5'" . DA  B 1 5  ? 3.475   -8.626  -16.035 1.00 45.98 ? 5   DA  B "C5'" 1 
ATOM   310 C  "C4'" . DA  B 1 5  ? 4.293   -8.867  -14.779 1.00 41.90 ? 5   DA  B "C4'" 1 
ATOM   311 O  "O4'" . DA  B 1 5  ? 3.644   -8.183  -13.674 1.00 38.74 ? 5   DA  B "O4'" 1 
ATOM   312 C  "C3'" . DA  B 1 5  ? 4.399   -10.331 -14.370 1.00 42.16 ? 5   DA  B "C3'" 1 
ATOM   313 O  "O3'" . DA  B 1 5  ? 5.705   -10.514 -13.951 1.00 46.91 ? 5   DA  B "O3'" 1 
ATOM   314 C  "C2'" . DA  B 1 5  ? 3.443   -10.480 -13.184 1.00 38.23 ? 5   DA  B "C2'" 1 
ATOM   315 C  "C1'" . DA  B 1 5  ? 3.607   -9.087  -12.580 1.00 35.91 ? 5   DA  B "C1'" 1 
ATOM   316 N  N9    . DA  B 1 5  ? 2.554   -8.666  -11.643 1.00 35.35 ? 5   DA  B N9    1 
ATOM   317 C  C8    . DA  B 1 5  ? 1.220   -8.957  -11.641 1.00 32.59 ? 5   DA  B C8    1 
ATOM   318 N  N7    . DA  B 1 5  ? 0.585   -8.416  -10.636 1.00 32.53 ? 5   DA  B N7    1 
ATOM   319 C  C5    . DA  B 1 5  ? 1.561   -7.717  -9.957  1.00 32.42 ? 5   DA  B C5    1 
ATOM   320 C  C6    . DA  B 1 5  ? 1.520   -6.930  -8.796  1.00 32.82 ? 5   DA  B C6    1 
ATOM   321 N  N6    . DA  B 1 5  ? 0.362   -6.749  -8.166  1.00 31.92 ? 5   DA  B N6    1 
ATOM   322 N  N1    . DA  B 1 5  ? 2.702   -6.378  -8.359  1.00 33.34 ? 5   DA  B N1    1 
ATOM   323 C  C2    . DA  B 1 5  ? 3.837   -6.589  -9.058  1.00 31.15 ? 5   DA  B C2    1 
ATOM   324 N  N3    . DA  B 1 5  ? 3.972   -7.322  -10.173 1.00 31.96 ? 5   DA  B N3    1 
ATOM   325 C  C4    . DA  B 1 5  ? 2.792   -7.859  -10.556 1.00 34.17 ? 5   DA  B C4    1 
HETATM 326 O  O1P   . XAR B 1 6  ? 7.364   -11.697 -15.308 1.00 50.58 ? 6   XAR B O1P   1 
HETATM 327 P  P     . XAR B 1 6  ? 6.433   -11.910 -14.185 1.00 52.06 ? 6   XAR B P     1 
HETATM 328 O  O2P   . XAR B 1 6  ? 5.459   -13.010 -13.939 1.00 49.87 ? 6   XAR B O2P   1 
HETATM 329 O  "O5'" . XAR B 1 6  ? 7.284   -12.082 -12.840 1.00 49.21 ? 6   XAR B "O5'" 1 
HETATM 330 C  "C5'" . XAR B 1 6  ? 8.544   -11.473 -12.743 1.00 42.69 ? 6   XAR B "C5'" 1 
HETATM 331 C  "C4'" . XAR B 1 6  ? 8.705   -10.740 -11.421 1.00 37.20 ? 6   XAR B "C4'" 1 
HETATM 332 C  "C3'" . XAR B 1 6  ? 8.734   -11.691 -10.214 1.00 34.09 ? 6   XAR B "C3'" 1 
HETATM 333 O  "O3'" . XAR B 1 6  ? 9.689   -11.035 -9.402  1.00 34.76 ? 6   XAR B "O3'" 1 
HETATM 334 C  "C2'" . XAR B 1 6  ? 7.364   -11.776 -9.511  1.00 32.71 ? 6   XAR B "C2'" 1 
HETATM 335 C  "C1'" . XAR B 1 6  ? 6.797   -10.388 -9.130  1.00 30.83 ? 6   XAR B "C1'" 1 
HETATM 336 C  "C7'" . XAR B 1 6  ? 6.929   -9.388  -10.248 1.00 31.75 ? 6   XAR B "C7'" 1 
HETATM 337 C  "C6'" . XAR B 1 6  ? 7.765   -9.558  -11.280 1.00 34.59 ? 6   XAR B "C6'" 1 
HETATM 338 N  N9    . XAR B 1 6  ? 5.371   -10.438 -8.813  1.00 30.84 ? 6   XAR B N9    1 
HETATM 339 C  C8    . XAR B 1 6  ? 4.402   -11.069 -9.555  1.00 29.53 ? 6   XAR B C8    1 
HETATM 340 N  N7    . XAR B 1 6  ? 3.186   -10.930 -9.058  1.00 30.61 ? 6   XAR B N7    1 
HETATM 341 C  C5    . XAR B 1 6  ? 3.363   -10.150 -7.939  1.00 29.07 ? 6   XAR B C5    1 
HETATM 342 C  C4    . XAR B 1 6  ? 4.705   -9.823  -7.768  1.00 30.34 ? 6   XAR B C4    1 
HETATM 343 N  N3    . XAR B 1 6  ? 5.193   -9.075  -6.773  1.00 27.14 ? 6   XAR B N3    1 
HETATM 344 C  C6    . XAR B 1 6  ? 2.444   -9.669  -6.998  1.00 28.97 ? 6   XAR B C6    1 
HETATM 345 N  N6    . XAR B 1 6  ? 1.130   -9.897  -7.095  1.00 27.91 ? 6   XAR B N6    1 
HETATM 346 N  N1    . XAR B 1 6  ? 2.900   -8.919  -5.997  1.00 26.91 ? 6   XAR B N1    1 
HETATM 347 C  C2    . XAR B 1 6  ? 4.222   -8.666  -5.949  1.00 29.60 ? 6   XAR B C2    1 
ATOM   348 P  P     . DT  B 1 7  ? 10.488  -11.811 -8.273  1.00 37.37 ? 7   DT  B P     1 
ATOM   349 O  OP1   . DT  B 1 7  ? 11.857  -11.205 -8.204  1.00 35.74 ? 7   DT  B OP1   1 
ATOM   350 O  OP2   . DT  B 1 7  ? 10.284  -13.263 -8.482  1.00 38.44 ? 7   DT  B OP2   1 
ATOM   351 O  "O5'" . DT  B 1 7  ? 9.686   -11.423 -6.935  1.00 34.27 ? 7   DT  B "O5'" 1 
ATOM   352 C  "C5'" . DT  B 1 7  ? 9.737   -10.085 -6.438  1.00 33.40 ? 7   DT  B "C5'" 1 
ATOM   353 C  "C4'" . DT  B 1 7  ? 9.205   -10.163 -5.021  1.00 31.98 ? 7   DT  B "C4'" 1 
ATOM   354 O  "O4'" . DT  B 1 7  ? 7.791   -10.332 -5.129  1.00 34.53 ? 7   DT  B "O4'" 1 
ATOM   355 C  "C3'" . DT  B 1 7  ? 9.665   -11.337 -4.169  1.00 32.60 ? 7   DT  B "C3'" 1 
ATOM   356 O  "O3'" . DT  B 1 7  ? 10.099  -10.701 -3.016  1.00 36.07 ? 7   DT  B "O3'" 1 
ATOM   357 C  "C2'" . DT  B 1 7  ? 8.403   -12.176 -3.911  1.00 32.56 ? 7   DT  B "C2'" 1 
ATOM   358 C  "C1'" . DT  B 1 7  ? 7.316   -11.126 -4.084  1.00 32.06 ? 7   DT  B "C1'" 1 
ATOM   359 N  N1    . DT  B 1 7  ? 5.992   -11.632 -4.571  1.00 31.00 ? 7   DT  B N1    1 
ATOM   360 C  C2    . DT  B 1 7  ? 4.837   -11.277 -3.878  1.00 32.61 ? 7   DT  B C2    1 
ATOM   361 O  O2    . DT  B 1 7  ? 4.832   -10.588 -2.875  1.00 30.58 ? 7   DT  B O2    1 
ATOM   362 N  N3    . DT  B 1 7  ? 3.668   -11.765 -4.408  1.00 31.25 ? 7   DT  B N3    1 
ATOM   363 C  C4    . DT  B 1 7  ? 3.540   -12.569 -5.535  1.00 31.71 ? 7   DT  B C4    1 
ATOM   364 O  O4    . DT  B 1 7  ? 2.427   -12.952 -5.899  1.00 31.27 ? 7   DT  B O4    1 
ATOM   365 C  C5    . DT  B 1 7  ? 4.777   -12.911 -6.219  1.00 31.72 ? 7   DT  B C5    1 
ATOM   366 C  C7    . DT  B 1 7  ? 4.801   -13.924 -7.326  1.00 32.68 ? 7   DT  B C7    1 
ATOM   367 C  C6    . DT  B 1 7  ? 5.938   -12.415 -5.722  1.00 32.77 ? 7   DT  B C6    1 
ATOM   368 P  P     . DT  B 1 8  ? 10.723  -11.489 -1.779  1.00 37.14 ? 8   DT  B P     1 
ATOM   369 O  OP1   . DT  B 1 8  ? 11.705  -10.549 -1.183  1.00 38.51 ? 8   DT  B OP1   1 
ATOM   370 O  OP2   . DT  B 1 8  ? 11.122  -12.837 -2.201  1.00 34.47 ? 8   DT  B OP2   1 
ATOM   371 O  "O5'" . DT  B 1 8  ? 9.477   -11.661 -0.763  1.00 36.39 ? 8   DT  B "O5'" 1 
ATOM   372 C  "C5'" . DT  B 1 8  ? 8.944   -10.497 -0.118  1.00 36.57 ? 8   DT  B "C5'" 1 
ATOM   373 C  "C4'" . DT  B 1 8  ? 7.716   -10.873 0.664   1.00 34.98 ? 8   DT  B "C4'" 1 
ATOM   374 O  "O4'" . DT  B 1 8  ? 6.737   -11.434 -0.229  1.00 33.56 ? 8   DT  B "O4'" 1 
ATOM   375 C  "C3'" . DT  B 1 8  ? 7.943   -11.965 1.698   1.00 35.35 ? 8   DT  B "C3'" 1 
ATOM   376 O  "O3'" . DT  B 1 8  ? 7.771   -11.368 2.983   1.00 38.69 ? 8   DT  B "O3'" 1 
ATOM   377 C  "C2'" . DT  B 1 8  ? 6.924   -13.074 1.378   1.00 35.74 ? 8   DT  B "C2'" 1 
ATOM   378 C  "C1'" . DT  B 1 8  ? 5.937   -12.330 0.500   1.00 32.90 ? 8   DT  B "C1'" 1 
ATOM   379 N  N1    . DT  B 1 8  ? 5.248   -13.120 -0.547  1.00 31.24 ? 8   DT  B N1    1 
ATOM   380 C  C2    . DT  B 1 8  ? 3.877   -13.163 -0.557  1.00 32.95 ? 8   DT  B C2    1 
ATOM   381 O  O2    . DT  B 1 8  ? 3.193   -12.624 0.289   1.00 29.86 ? 8   DT  B O2    1 
ATOM   382 N  N3    . DT  B 1 8  ? 3.332   -13.890 -1.605  1.00 29.55 ? 8   DT  B N3    1 
ATOM   383 C  C4    . DT  B 1 8  ? 4.023   -14.545 -2.613  1.00 31.00 ? 8   DT  B C4    1 
ATOM   384 O  O4    . DT  B 1 8  ? 3.424   -15.161 -3.491  1.00 30.81 ? 8   DT  B O4    1 
ATOM   385 C  C5    . DT  B 1 8  ? 5.477   -14.468 -2.530  1.00 30.38 ? 8   DT  B C5    1 
ATOM   386 C  C7    . DT  B 1 8  ? 6.374   -15.363 -3.345  1.00 30.23 ? 8   DT  B C7    1 
ATOM   387 C  C6    . DT  B 1 8  ? 5.996   -13.750 -1.529  1.00 30.80 ? 8   DT  B C6    1 
ATOM   388 P  P     . DC  B 1 9  ? 7.943   -12.233 4.319   1.00 41.00 ? 9   DC  B P     1 
ATOM   389 O  OP1   . DC  B 1 9  ? 8.450   -11.335 5.369   1.00 44.83 ? 9   DC  B OP1   1 
ATOM   390 O  OP2   . DC  B 1 9  ? 8.723   -13.447 3.993   1.00 40.38 ? 9   DC  B OP2   1 
ATOM   391 O  "O5'" . DC  B 1 9  ? 6.427   -12.639 4.642   1.00 41.05 ? 9   DC  B "O5'" 1 
ATOM   392 C  "C5'" . DC  B 1 9  ? 5.471   -11.590 4.606   1.00 43.14 ? 9   DC  B "C5'" 1 
ATOM   393 C  "C4'" . DC  B 1 9  ? 4.077   -12.167 4.635   1.00 44.17 ? 9   DC  B "C4'" 1 
ATOM   394 O  "O4'" . DC  B 1 9  ? 3.758   -12.903 3.419   1.00 42.41 ? 9   DC  B "O4'" 1 
ATOM   395 C  "C3'" . DC  B 1 9  ? 3.950   -13.162 5.780   1.00 46.03 ? 9   DC  B "C3'" 1 
ATOM   396 O  "O3'" . DC  B 1 9  ? 2.765   -12.768 6.516   1.00 48.11 ? 9   DC  B "O3'" 1 
ATOM   397 C  "C2'" . DC  B 1 9  ? 3.923   -14.538 5.088   1.00 43.66 ? 9   DC  B "C2'" 1 
ATOM   398 C  "C1'" . DC  B 1 9  ? 3.207   -14.162 3.791   1.00 42.13 ? 9   DC  B "C1'" 1 
ATOM   399 N  N1    . DC  B 1 9  ? 3.335   -15.056 2.593   1.00 40.27 ? 9   DC  B N1    1 
ATOM   400 C  C2    . DC  B 1 9  ? 2.193   -15.602 1.998   1.00 39.36 ? 9   DC  B C2    1 
ATOM   401 O  O2    . DC  B 1 9  ? 1.066   -15.390 2.463   1.00 38.27 ? 9   DC  B O2    1 
ATOM   402 N  N3    . DC  B 1 9  ? 2.380   -16.374 0.894   1.00 38.78 ? 9   DC  B N3    1 
ATOM   403 C  C4    . DC  B 1 9  ? 3.597   -16.585 0.376   1.00 38.66 ? 9   DC  B C4    1 
ATOM   404 N  N4    . DC  B 1 9  ? 3.690   -17.336 -0.718  1.00 37.27 ? 9   DC  B N4    1 
ATOM   405 C  C5    . DC  B 1 9  ? 4.772   -16.044 0.964   1.00 38.98 ? 9   DC  B C5    1 
ATOM   406 C  C6    . DC  B 1 9  ? 4.582   -15.287 2.053   1.00 41.37 ? 9   DC  B C6    1 
ATOM   407 P  P     . DG  B 1 10 ? 2.637   -13.096 8.082   1.00 50.33 ? 10  DG  B P     1 
ATOM   408 O  OP1   . DG  B 1 10 ? 2.012   -11.924 8.758   1.00 48.51 ? 10  DG  B OP1   1 
ATOM   409 O  OP2   . DG  B 1 10 ? 3.904   -13.725 8.539   1.00 50.50 ? 10  DG  B OP2   1 
ATOM   410 O  "O5'" . DG  B 1 10 ? 1.527   -14.222 8.067   1.00 51.29 ? 10  DG  B "O5'" 1 
ATOM   411 C  "C5'" . DG  B 1 10 ? 1.933   -15.495 7.829   1.00 52.52 ? 10  DG  B "C5'" 1 
ATOM   412 C  "C4'" . DG  B 1 10 ? 0.671   -16.287 7.729   1.00 51.65 ? 10  DG  B "C4'" 1 
ATOM   413 O  "O4'" . DG  B 1 10 ? 0.559   -16.770 6.376   1.00 48.91 ? 10  DG  B "O4'" 1 
ATOM   414 C  "C3'" . DG  B 1 10 ? 0.709   -17.507 8.619   1.00 51.82 ? 10  DG  B "C3'" 1 
ATOM   415 O  "O3'" . DG  B 1 10 ? -0.631  -17.901 8.730   1.00 56.77 ? 10  DG  B "O3'" 1 
ATOM   416 C  "C2'" . DG  B 1 10 ? 1.489   -18.485 7.757   1.00 49.50 ? 10  DG  B "C2'" 1 
ATOM   417 C  "C1'" . DG  B 1 10 ? 0.880   -18.162 6.387   1.00 45.68 ? 10  DG  B "C1'" 1 
ATOM   418 N  N9    . DG  B 1 10 ? 1.733   -18.434 5.238   1.00 43.91 ? 10  DG  B N9    1 
ATOM   419 C  C8    . DG  B 1 10 ? 3.086   -18.240 5.111   1.00 43.24 ? 10  DG  B C8    1 
ATOM   420 N  N7    . DG  B 1 10 ? 3.557   -18.574 3.948   1.00 43.63 ? 10  DG  B N7    1 
ATOM   421 C  C5    . DG  B 1 10 ? 2.444   -19.005 3.247   1.00 43.17 ? 10  DG  B C5    1 
ATOM   422 C  C6    . DG  B 1 10 ? 2.341   -19.481 1.922   1.00 43.49 ? 10  DG  B C6    1 
ATOM   423 O  O6    . DG  B 1 10 ? 3.274   -19.620 1.111   1.00 42.74 ? 10  DG  B O6    1 
ATOM   424 N  N1    . DG  B 1 10 ? 1.010   -19.813 1.596   1.00 42.80 ? 10  DG  B N1    1 
ATOM   425 C  C2    . DG  B 1 10 ? -0.070  -19.709 2.453   1.00 43.01 ? 10  DG  B C2    1 
ATOM   426 N  N2    . DG  B 1 10 ? -1.277  -20.086 2.002   1.00 42.73 ? 10  DG  B N2    1 
ATOM   427 N  N3    . DG  B 1 10 ? 0.023   -19.248 3.696   1.00 43.68 ? 10  DG  B N3    1 
ATOM   428 C  C4    . DG  B 1 10 ? 1.307   -18.922 4.024   1.00 45.01 ? 10  DG  B C4    1 
ATOM   429 P  P     . DC  B 1 11 ? -1.145  -18.694 10.017  1.00 59.30 ? 11  DC  B P     1 
ATOM   430 O  OP1   . DC  B 1 11 ? -2.230  -17.871 10.626  1.00 58.48 ? 11  DC  B OP1   1 
ATOM   431 O  OP2   . DC  B 1 11 ? 0.040   -19.137 10.789  1.00 57.49 ? 11  DC  B OP2   1 
ATOM   432 O  "O5'" . DC  B 1 11 ? -1.798  -20.015 9.376   1.00 56.53 ? 11  DC  B "O5'" 1 
ATOM   433 C  "C5'" . DC  B 1 11 ? -3.010  -19.885 8.667   1.00 54.99 ? 11  DC  B "C5'" 1 
ATOM   434 C  "C4'" . DC  B 1 11 ? -3.165  -21.065 7.740   1.00 54.40 ? 11  DC  B "C4'" 1 
ATOM   435 O  "O4'" . DC  B 1 11 ? -2.166  -21.020 6.692   1.00 53.02 ? 11  DC  B "O4'" 1 
ATOM   436 C  "C3'" . DC  B 1 11 ? -3.031  -22.415 8.423   1.00 54.71 ? 11  DC  B "C3'" 1 
ATOM   437 O  "O3'" . DC  B 1 11 ? -4.223  -23.138 8.131   1.00 57.79 ? 11  DC  B "O3'" 1 
ATOM   438 C  "C2'" . DC  B 1 11 ? -1.794  -23.051 7.803   1.00 52.73 ? 11  DC  B "C2'" 1 
ATOM   439 C  "C1'" . DC  B 1 11 ? -1.669  -22.322 6.470   1.00 50.30 ? 11  DC  B "C1'" 1 
ATOM   440 N  N1    . DC  B 1 11 ? -0.277  -22.187 5.951   1.00 49.69 ? 11  DC  B N1    1 
ATOM   441 C  C2    . DC  B 1 11 ? 0.012   -22.425 4.596   1.00 47.98 ? 11  DC  B C2    1 
ATOM   442 O  O2    . DC  B 1 11 ? -0.885  -22.749 3.823   1.00 47.85 ? 11  DC  B O2    1 
ATOM   443 N  N3    . DC  B 1 11 ? 1.284   -22.288 4.158   1.00 47.50 ? 11  DC  B N3    1 
ATOM   444 C  C4    . DC  B 1 11 ? 2.254   -21.939 4.994   1.00 48.30 ? 11  DC  B C4    1 
ATOM   445 N  N4    . DC  B 1 11 ? 3.475   -21.824 4.495   1.00 48.21 ? 11  DC  B N4    1 
ATOM   446 C  C5    . DC  B 1 11 ? 2.009   -21.691 6.372   1.00 48.20 ? 11  DC  B C5    1 
ATOM   447 C  C6    . DC  B 1 11 ? 0.745   -21.816 6.798   1.00 49.83 ? 11  DC  B C6    1 
ATOM   448 P  P     . DG  B 1 12 ? -4.613  -24.438 8.982   1.00 59.14 ? 12  DG  B P     1 
ATOM   449 O  OP1   . DG  B 1 12 ? -6.078  -24.417 9.196   0.50 57.73 ? 12  DG  B OP1   1 
ATOM   450 O  OP2   . DG  B 1 12 ? -3.678  -24.530 10.146  1.00 57.19 ? 12  DG  B OP2   1 
ATOM   451 O  "O5'" . DG  B 1 12 ? -4.246  -25.626 7.984   1.00 56.81 ? 12  DG  B "O5'" 1 
ATOM   452 C  "C5'" . DG  B 1 12 ? -4.820  -25.749 6.696   1.00 55.08 ? 12  DG  B "C5'" 1 
ATOM   453 C  "C4'" . DG  B 1 12 ? -4.009  -26.787 5.949   1.00 53.50 ? 12  DG  B "C4'" 1 
ATOM   454 O  "O4'" . DG  B 1 12 ? -2.717  -26.196 5.701   1.00 52.26 ? 12  DG  B "O4'" 1 
ATOM   455 C  "C3'" . DG  B 1 12 ? -3.745  -28.077 6.735   1.00 52.28 ? 12  DG  B "C3'" 1 
ATOM   456 O  "O3'" . DG  B 1 12 ? -4.502  -29.157 6.223   1.00 51.90 ? 12  DG  B "O3'" 1 
ATOM   457 C  "C2'" . DG  B 1 12 ? -2.252  -28.345 6.611   1.00 52.18 ? 12  DG  B "C2'" 1 
ATOM   458 C  "C1'" . DG  B 1 12 ? -1.761  -27.235 5.688   1.00 51.50 ? 12  DG  B "C1'" 1 
ATOM   459 N  N9    . DG  B 1 12 ? -0.466  -26.635 6.028   1.00 51.56 ? 12  DG  B N9    1 
ATOM   460 C  C8    . DG  B 1 12 ? -0.080  -26.158 7.263   1.00 51.18 ? 12  DG  B C8    1 
ATOM   461 N  N7    . DG  B 1 12 ? 1.125   -25.645 7.272   1.00 51.06 ? 12  DG  B N7    1 
ATOM   462 C  C5    . DG  B 1 12 ? 1.559   -25.769 5.950   1.00 51.81 ? 12  DG  B C5    1 
ATOM   463 C  C6    . DG  B 1 12 ? 2.795   -25.396 5.356   1.00 50.75 ? 12  DG  B C6    1 
ATOM   464 O  O6    . DG  B 1 12 ? 3.736   -24.857 5.939   1.00 50.89 ? 12  DG  B O6    1 
ATOM   465 N  N1    . DG  B 1 12 ? 2.871   -25.682 3.979   1.00 51.10 ? 12  DG  B N1    1 
ATOM   466 C  C2    . DG  B 1 12 ? 1.865   -26.281 3.252   1.00 50.65 ? 12  DG  B C2    1 
ATOM   467 N  N2    . DG  B 1 12 ? 2.113   -26.494 1.957   1.00 50.08 ? 12  DG  B N2    1 
ATOM   468 N  N3    . DG  B 1 12 ? 0.694   -26.645 3.798   1.00 51.86 ? 12  DG  B N3    1 
ATOM   469 C  C4    . DG  B 1 12 ? 0.594   -26.370 5.153   1.00 52.19 ? 12  DG  B C4    1 
HETATM 470 CO CO    . NCO C 2 .  ? 12.934  -7.178  -9.528  1.00 39.33 ? 101 NCO B CO    1 
HETATM 471 N  N1    . NCO C 2 .  ? 13.827  -8.052  -11.088 1.00 38.83 ? 101 NCO B N1    1 
HETATM 472 N  N2    . NCO C 2 .  ? 14.483  -5.917  -9.337  1.00 38.96 ? 101 NCO B N2    1 
HETATM 473 N  N3    . NCO C 2 .  ? 12.017  -6.280  -8.008  1.00 39.40 ? 101 NCO B N3    1 
HETATM 474 N  N4    . NCO C 2 .  ? 11.358  -8.388  -9.765  1.00 38.18 ? 101 NCO B N4    1 
HETATM 475 N  N5    . NCO C 2 .  ? 13.798  -8.512  -8.350  1.00 40.72 ? 101 NCO B N5    1 
HETATM 476 N  N6    . NCO C 2 .  ? 12.094  -5.799  -10.659 1.00 38.57 ? 101 NCO B N6    1 
HETATM 477 CO CO    . NCO D 2 .  ? 11.822  -16.618 -7.331  1.00 54.05 ? 102 NCO B CO    1 
HETATM 478 N  N1    . NCO D 2 .  ? 12.952  -17.541 -8.680  1.00 53.40 ? 102 NCO B N1    1 
HETATM 479 N  N2    . NCO D 2 .  ? 12.914  -14.982 -7.644  1.00 51.85 ? 102 NCO B N2    1 
HETATM 480 N  N3    . NCO D 2 .  ? 10.698  -15.616 -6.011  1.00 54.14 ? 102 NCO B N3    1 
HETATM 481 N  N4    . NCO D 2 .  ? 10.734  -18.254 -7.049  1.00 53.35 ? 102 NCO B N4    1 
HETATM 482 N  N5    . NCO D 2 .  ? 13.071  -17.115 -5.863  1.00 54.64 ? 102 NCO B N5    1 
HETATM 483 N  N6    . NCO D 2 .  ? 10.583  -16.124 -8.821  1.00 53.79 ? 102 NCO B N6    1 
HETATM 484 CO CO    . NCO E 2 .  ? 4.479   -25.107 9.869   0.50 46.21 ? 103 NCO B CO    1 
HETATM 485 N  N1    . NCO E 2 .  ? 5.597   -25.800 8.398   0.50 44.82 ? 103 NCO B N1    1 
HETATM 486 N  N2    . NCO E 2 .  ? 5.917   -23.850 10.359  0.50 46.10 ? 103 NCO B N2    1 
HETATM 487 N  N3    . NCO E 2 .  ? 3.356   -24.421 11.343  0.50 45.01 ? 103 NCO B N3    1 
HETATM 488 N  N4    . NCO E 2 .  ? 3.061   -26.397 9.387   0.50 45.38 ? 103 NCO B N4    1 
HETATM 489 N  N5    . NCO E 2 .  ? 5.231   -26.447 11.113  0.50 45.95 ? 103 NCO B N5    1 
HETATM 490 N  N6    . NCO E 2 .  ? 3.718   -23.769 8.630   0.50 46.10 ? 103 NCO B N6    1 
HETATM 491 O  O     . HOH F 3 .  ? -0.376  11.108  0.959   0.50 42.18 ? 13  HOH A O     1 
HETATM 492 O  O     . HOH F 3 .  ? -5.072  2.837   1.744   1.00 36.06 ? 14  HOH A O     1 
HETATM 493 O  O     . HOH F 3 .  ? -2.803  2.928   -0.009  1.00 50.50 ? 15  HOH A O     1 
HETATM 494 O  O     . HOH F 3 .  ? 3.107   25.882  1.438   1.00 41.65 ? 16  HOH A O     1 
HETATM 495 O  O     . HOH F 3 .  ? 4.625   32.563  8.643   1.00 49.00 ? 17  HOH A O     1 
HETATM 496 O  O     . HOH F 3 .  ? 3.432   -4.733  11.173  1.00 54.34 ? 18  HOH A O     1 
HETATM 497 O  O     . HOH F 3 .  ? 0.050   1.592   11.106  1.00 45.33 ? 19  HOH A O     1 
HETATM 498 O  O     . HOH F 3 .  ? 1.238   22.565  4.642   1.00 56.08 ? 20  HOH A O     1 
HETATM 499 O  O     . HOH F 3 .  ? 5.715   27.958  0.878   1.00 44.67 ? 21  HOH A O     1 
HETATM 500 O  O     . HOH F 3 .  ? 0.405   -6.074  11.024  1.00 40.86 ? 22  HOH A O     1 
HETATM 501 O  O     . HOH F 3 .  ? -8.872  10.734  5.235   1.00 49.48 ? 23  HOH A O     1 
HETATM 502 O  O     . HOH F 3 .  ? 1.598   9.642   1.951   1.00 48.28 ? 24  HOH A O     1 
HETATM 503 O  O     . HOH F 3 .  ? -11.865 23.519  8.559   1.00 54.17 ? 25  HOH A O     1 
HETATM 504 O  O     . HOH F 3 .  ? -13.424 24.514  4.646   1.00 50.31 ? 26  HOH A O     1 
HETATM 505 O  O     . HOH F 3 .  ? -8.004  20.687  7.867   1.00 51.55 ? 27  HOH A O     1 
HETATM 506 O  O     . HOH F 3 .  ? 0.715   2.007   0.977   1.00 47.77 ? 28  HOH A O     1 
HETATM 507 O  O     . HOH F 3 .  ? 3.024   32.526  -1.113  1.00 41.58 ? 29  HOH A O     1 
HETATM 508 O  O     . HOH F 3 .  ? -1.751  20.301  5.457   1.00 52.63 ? 30  HOH A O     1 
HETATM 509 O  O     . HOH F 3 .  ? -0.725  3.259   -1.565  1.00 73.09 ? 31  HOH A O     1 
HETATM 510 O  O     . HOH F 3 .  ? -8.859  13.875  5.543   1.00 61.33 ? 32  HOH A O     1 
HETATM 511 O  O     . HOH F 3 .  ? 5.131   2.587   10.962  1.00 62.77 ? 33  HOH A O     1 
HETATM 512 O  O     . HOH F 3 .  ? -4.346  22.044  7.047   1.00 63.24 ? 34  HOH A O     1 
HETATM 513 O  O     . HOH F 3 .  ? -2.451  -0.464  15.811  0.50 53.10 ? 35  HOH A O     1 
HETATM 514 O  O     . HOH F 3 .  ? 1.170   8.911   4.558   1.00 55.88 ? 36  HOH A O     1 
HETATM 515 O  O     . HOH F 3 .  ? 6.098   29.223  2.973   1.00 54.76 ? 37  HOH A O     1 
HETATM 516 O  O     . HOH F 3 .  ? -7.316  17.765  -1.928  1.00 53.93 ? 38  HOH A O     1 
HETATM 517 O  O     . HOH F 3 .  ? 1.382   4.187   9.215   1.00 49.52 ? 39  HOH A O     1 
HETATM 518 O  O     . HOH F 3 .  ? -8.161  6.990   3.121   1.00 62.36 ? 40  HOH A O     1 
HETATM 519 O  O     . HOH F 3 .  ? 3.460   -0.029  3.590   1.00 48.82 ? 41  HOH A O     1 
HETATM 520 O  O     . HOH F 3 .  ? 0.191   -0.470  16.296  1.00 64.74 ? 42  HOH A O     1 
HETATM 521 O  O     . HOH G 3 .  ? 13.610  -11.892 -6.186  1.00 39.07 ? 104 HOH B O     1 
HETATM 522 O  O     . HOH G 3 .  ? 1.332   -12.410 -10.140 1.00 33.68 ? 105 HOH B O     1 
HETATM 523 O  O     . HOH G 3 .  ? 5.233   -25.856 2.245   1.00 40.18 ? 106 HOH B O     1 
HETATM 524 O  O     . HOH G 3 .  ? 5.648   -8.341  -1.583  0.50 34.51 ? 107 HOH B O     1 
HETATM 525 O  O     . HOH G 3 .  ? 6.260   -17.939 -1.378  1.00 48.93 ? 108 HOH B O     1 
HETATM 526 O  O     . HOH G 3 .  ? 9.049   -6.719  -8.443  1.00 43.89 ? 109 HOH B O     1 
HETATM 527 O  O     . HOH G 3 .  ? 1.904   -10.517 1.644   1.00 33.12 ? 110 HOH B O     1 
HETATM 528 O  O     . HOH G 3 .  ? 11.755  -9.164  -12.801 1.00 40.30 ? 111 HOH B O     1 
HETATM 529 O  O     . HOH G 3 .  ? 12.569  -7.784  -5.355  1.00 41.69 ? 112 HOH B O     1 
HETATM 530 O  O     . HOH G 3 .  ? 8.102   -14.797 -6.996  1.00 44.29 ? 113 HOH B O     1 
HETATM 531 O  O     . HOH G 3 .  ? 4.569   -9.324  1.724   1.00 43.44 ? 114 HOH B O     1 
HETATM 532 O  O     . HOH G 3 .  ? 4.923   -13.914 -11.290 1.00 43.50 ? 115 HOH B O     1 
HETATM 533 O  O     . HOH G 3 .  ? 6.122   -6.526  -11.890 1.00 41.98 ? 116 HOH B O     1 
HETATM 534 O  O     . HOH G 3 .  ? -2.343  -4.504  -8.472  1.00 56.50 ? 117 HOH B O     1 
HETATM 535 O  O     . HOH G 3 .  ? -0.094  -10.875 -13.894 1.00 44.85 ? 118 HOH B O     1 
HETATM 536 O  O     . HOH G 3 .  ? 3.602   -4.948  -15.010 1.00 46.84 ? 119 HOH B O     1 
HETATM 537 O  O     . HOH G 3 .  ? 7.270   -17.069 -6.954  1.00 55.56 ? 120 HOH B O     1 
HETATM 538 O  O     . HOH G 3 .  ? 7.875   -18.193 -9.059  1.00 48.05 ? 121 HOH B O     1 
HETATM 539 O  O     . HOH G 3 .  ? -0.483  -13.253 3.772   1.00 46.20 ? 122 HOH B O     1 
HETATM 540 O  O     . HOH G 3 .  ? 11.474  -13.000 2.650   1.00 48.10 ? 123 HOH B O     1 
HETATM 541 O  O     . HOH G 3 .  ? 3.698   -17.132 -5.198  1.00 42.59 ? 124 HOH B O     1 
HETATM 542 O  O     . HOH G 3 .  ? 12.979  -13.883 4.277   1.00 36.44 ? 125 HOH B O     1 
HETATM 543 O  O     . HOH G 3 .  ? 1.577   -14.319 -7.813  1.00 39.20 ? 126 HOH B O     1 
HETATM 544 O  O     . HOH G 3 .  ? 12.374  -13.666 -4.540  1.00 45.28 ? 127 HOH B O     1 
HETATM 545 O  O     . HOH G 3 .  ? 5.398   -16.510 -9.734  1.00 71.31 ? 128 HOH B O     1 
HETATM 546 O  O     . HOH G 3 .  ? 7.466   -15.106 -10.283 1.00 50.41 ? 129 HOH B O     1 
HETATM 547 O  O     . HOH G 3 .  ? -5.256  -2.448  -9.374  1.00 53.53 ? 130 HOH B O     1 
HETATM 548 O  O     . HOH G 3 .  ? 9.191   -14.834 -1.505  1.00 49.45 ? 131 HOH B O     1 
HETATM 549 O  O     . HOH G 3 .  ? 8.261   -18.262 -4.698  1.00 50.70 ? 132 HOH B O     1 
HETATM 550 O  O     . HOH G 3 .  ? 10.135  -6.996  -13.412 1.00 50.64 ? 133 HOH B O     1 
HETATM 551 O  O     . HOH G 3 .  ? 4.946   -15.925 8.708   1.00 47.05 ? 134 HOH B O     1 
HETATM 552 O  O     . HOH G 3 .  ? 2.451   -11.963 -20.228 1.00 60.77 ? 135 HOH B O     1 
HETATM 553 O  O     . HOH G 3 .  ? 4.954   -11.774 -20.661 1.00 47.28 ? 136 HOH B O     1 
HETATM 554 O  O     . HOH G 3 .  ? 12.591  -10.767 1.670   1.00 51.83 ? 137 HOH B O     1 
HETATM 555 O  O     . HOH G 3 .  ? -2.419  -18.444 5.615   1.00 61.29 ? 138 HOH B O     1 
HETATM 556 O  O     . HOH G 3 .  ? -10.227 3.475   -9.894  1.00 57.87 ? 139 HOH B O     1 
HETATM 557 O  O     . HOH G 3 .  ? -3.809  0.241   -6.944  1.00 55.97 ? 140 HOH B O     1 
HETATM 558 O  O     . HOH G 3 .  ? -5.213  2.157   -7.528  1.00 65.69 ? 141 HOH B O     1 
HETATM 559 O  O     . HOH G 3 .  ? -2.566  -7.142  -8.673  1.00 46.89 ? 142 HOH B O     1 
HETATM 560 O  O     . HOH G 3 .  ? -7.592  7.001   -9.491  1.00 47.74 ? 143 HOH B O     1 
HETATM 561 O  O     . HOH G 3 .  ? -5.499  -2.110  -6.537  1.00 62.70 ? 144 HOH B O     1 
HETATM 562 O  O     . HOH G 3 .  ? -2.027  -8.846  -10.416 1.00 57.13 ? 145 HOH B O     1 
HETATM 563 O  O     . HOH G 3 .  ? 8.370   -8.937  4.508   1.00 52.34 ? 146 HOH B O     1 
HETATM 564 O  O     . HOH G 3 .  ? -5.832  5.491   -9.992  0.50 75.33 ? 147 HOH B O     1 
# 
loop_
_pdbx_poly_seq_scheme.asym_id 
_pdbx_poly_seq_scheme.entity_id 
_pdbx_poly_seq_scheme.seq_id 
_pdbx_poly_seq_scheme.mon_id 
_pdbx_poly_seq_scheme.ndb_seq_num 
_pdbx_poly_seq_scheme.pdb_seq_num 
_pdbx_poly_seq_scheme.auth_seq_num 
_pdbx_poly_seq_scheme.pdb_mon_id 
_pdbx_poly_seq_scheme.auth_mon_id 
_pdbx_poly_seq_scheme.pdb_strand_id 
_pdbx_poly_seq_scheme.pdb_ins_code 
_pdbx_poly_seq_scheme.hetero 
A 1 1  DC  1  1  1  DC  C   A . n 
A 1 2  DG  2  2  2  DG  G   A . n 
A 1 3  DC  3  3  3  DC  C   A . n 
A 1 4  DG  4  4  4  DG  G   A . n 
A 1 5  DA  5  5  5  DA  A   A . n 
A 1 6  XAR 6  6  6  XAR XAR A . n 
A 1 7  DT  7  7  7  DT  T   A . n 
A 1 8  DT  8  8  8  DT  T   A . n 
A 1 9  DC  9  9  9  DC  C   A . n 
A 1 10 DG  10 10 10 DG  G   A . n 
A 1 11 DC  11 11 11 DC  C   A . n 
A 1 12 DG  12 12 12 DG  G   A . n 
B 1 1  DC  1  1  ?  ?   ?   B . n 
B 1 2  DG  2  2  2  DG  G   B . n 
B 1 3  DC  3  3  3  DC  C   B . n 
B 1 4  DG  4  4  4  DG  G   B . n 
B 1 5  DA  5  5  5  DA  A   B . n 
B 1 6  XAR 6  6  6  XAR XAR B . n 
B 1 7  DT  7  7  7  DT  T   B . n 
B 1 8  DT  8  8  8  DT  T   B . n 
B 1 9  DC  9  9  9  DC  C   B . n 
B 1 10 DG  10 10 10 DG  G   B . n 
B 1 11 DC  11 11 11 DC  C   B . n 
B 1 12 DG  12 12 12 DG  G   B . n 
# 
loop_
_pdbx_nonpoly_scheme.asym_id 
_pdbx_nonpoly_scheme.entity_id 
_pdbx_nonpoly_scheme.mon_id 
_pdbx_nonpoly_scheme.ndb_seq_num 
_pdbx_nonpoly_scheme.pdb_seq_num 
_pdbx_nonpoly_scheme.auth_seq_num 
_pdbx_nonpoly_scheme.pdb_mon_id 
_pdbx_nonpoly_scheme.auth_mon_id 
_pdbx_nonpoly_scheme.pdb_strand_id 
_pdbx_nonpoly_scheme.pdb_ins_code 
C 2 NCO 1  101 101 NCO NCO B . 
D 2 NCO 1  102 102 NCO NCO B . 
E 2 NCO 1  103 103 NCO NCO B . 
F 3 HOH 1  13  3   HOH HOH A . 
F 3 HOH 2  14  4   HOH HOH A . 
F 3 HOH 3  15  13  HOH HOH A . 
F 3 HOH 4  16  16  HOH HOH A . 
F 3 HOH 5  17  19  HOH HOH A . 
F 3 HOH 6  18  22  HOH HOH A . 
F 3 HOH 7  19  23  HOH HOH A . 
F 3 HOH 8  20  24  HOH HOH A . 
F 3 HOH 9  21  25  HOH HOH A . 
F 3 HOH 10 22  26  HOH HOH A . 
F 3 HOH 11 23  27  HOH HOH A . 
F 3 HOH 12 24  30  HOH HOH A . 
F 3 HOH 13 25  33  HOH HOH A . 
F 3 HOH 14 26  38  HOH HOH A . 
F 3 HOH 15 27  40  HOH HOH A . 
F 3 HOH 16 28  42  HOH HOH A . 
F 3 HOH 17 29  45  HOH HOH A . 
F 3 HOH 18 30  47  HOH HOH A . 
F 3 HOH 19 31  48  HOH HOH A . 
F 3 HOH 20 32  50  HOH HOH A . 
F 3 HOH 21 33  53  HOH HOH A . 
F 3 HOH 22 34  55  HOH HOH A . 
F 3 HOH 23 35  57  HOH HOH A . 
F 3 HOH 24 36  58  HOH HOH A . 
F 3 HOH 25 37  59  HOH HOH A . 
F 3 HOH 26 38  60  HOH HOH A . 
F 3 HOH 27 39  61  HOH HOH A . 
F 3 HOH 28 40  62  HOH HOH A . 
F 3 HOH 29 41  64  HOH HOH A . 
F 3 HOH 30 42  65  HOH HOH A . 
G 3 HOH 1  104 1   HOH HOH B . 
G 3 HOH 2  105 2   HOH HOH B . 
G 3 HOH 3  106 5   HOH HOH B . 
G 3 HOH 4  107 6   HOH HOH B . 
G 3 HOH 5  108 7   HOH HOH B . 
G 3 HOH 6  109 8   HOH HOH B . 
G 3 HOH 7  110 9   HOH HOH B . 
G 3 HOH 8  111 10  HOH HOH B . 
G 3 HOH 9  112 11  HOH HOH B . 
G 3 HOH 10 113 12  HOH HOH B . 
G 3 HOH 11 114 14  HOH HOH B . 
G 3 HOH 12 115 15  HOH HOH B . 
G 3 HOH 13 116 17  HOH HOH B . 
G 3 HOH 14 117 18  HOH HOH B . 
G 3 HOH 15 118 20  HOH HOH B . 
G 3 HOH 16 119 21  HOH HOH B . 
G 3 HOH 17 120 28  HOH HOH B . 
G 3 HOH 18 121 29  HOH HOH B . 
G 3 HOH 19 122 31  HOH HOH B . 
G 3 HOH 20 123 32  HOH HOH B . 
G 3 HOH 21 124 34  HOH HOH B . 
G 3 HOH 22 125 35  HOH HOH B . 
G 3 HOH 23 126 36  HOH HOH B . 
G 3 HOH 24 127 37  HOH HOH B . 
G 3 HOH 25 128 39  HOH HOH B . 
G 3 HOH 26 129 41  HOH HOH B . 
G 3 HOH 27 130 43  HOH HOH B . 
G 3 HOH 28 131 44  HOH HOH B . 
G 3 HOH 29 132 49  HOH HOH B . 
G 3 HOH 30 133 51  HOH HOH B . 
G 3 HOH 31 134 52  HOH HOH B . 
G 3 HOH 32 135 54  HOH HOH B . 
G 3 HOH 33 136 56  HOH HOH B . 
G 3 HOH 34 137 63  HOH HOH B . 
G 3 HOH 35 138 66  HOH HOH B . 
G 3 HOH 36 139 67  HOH HOH B . 
G 3 HOH 37 140 68  HOH HOH B . 
G 3 HOH 38 141 69  HOH HOH B . 
G 3 HOH 39 142 70  HOH HOH B . 
G 3 HOH 40 143 71  HOH HOH B . 
G 3 HOH 41 144 72  HOH HOH B . 
G 3 HOH 42 145 73  HOH HOH B . 
G 3 HOH 43 146 74  HOH HOH B . 
G 3 HOH 44 147 75  HOH HOH B . 
# 
loop_
_pdbx_struct_assembly.id 
_pdbx_struct_assembly.details 
_pdbx_struct_assembly.method_details 
_pdbx_struct_assembly.oligomeric_details 
_pdbx_struct_assembly.oligomeric_count 
1 author_and_software_defined_assembly PISA dimeric 2 
2 author_and_software_defined_assembly PISA dimeric 2 
# 
loop_
_pdbx_struct_assembly_gen.assembly_id 
_pdbx_struct_assembly_gen.oper_expression 
_pdbx_struct_assembly_gen.asym_id_list 
1 1,2 A,F       
2 1,3 B,C,D,E,G 
# 
loop_
_pdbx_struct_assembly_prop.biol_id 
_pdbx_struct_assembly_prop.type 
_pdbx_struct_assembly_prop.value 
_pdbx_struct_assembly_prop.details 
1 'ABSA (A^2)' 2410 ? 
1 MORE         2.9  ? 
1 'SSA (A^2)'  4230 ? 
2 'ABSA (A^2)' 3310 ? 
2 MORE         7.7  ? 
2 'SSA (A^2)'  4580 ? 
# 
loop_
_pdbx_struct_oper_list.id 
_pdbx_struct_oper_list.type 
_pdbx_struct_oper_list.name 
_pdbx_struct_oper_list.symmetry_operation 
_pdbx_struct_oper_list.matrix[1][1] 
_pdbx_struct_oper_list.matrix[1][2] 
_pdbx_struct_oper_list.matrix[1][3] 
_pdbx_struct_oper_list.vector[1] 
_pdbx_struct_oper_list.matrix[2][1] 
_pdbx_struct_oper_list.matrix[2][2] 
_pdbx_struct_oper_list.matrix[2][3] 
_pdbx_struct_oper_list.vector[2] 
_pdbx_struct_oper_list.matrix[3][1] 
_pdbx_struct_oper_list.matrix[3][2] 
_pdbx_struct_oper_list.matrix[3][3] 
_pdbx_struct_oper_list.vector[3] 
1 'identity operation'         1_555 x,y,z         1.0000000000  0.0000000000  0.0000000000  0.0000000000  0.0000000000  1.0000000000  0.0000000000 0.0000000000   0.0000000000  0.0000000000 1.0000000000  0.0000000000  
2 'crystal symmetry operation' 3_454 -x-1,y,-z-1/2 -0.0454531733 -0.3848920929 -0.9218416815 4.7646698534  -0.3848920929 -0.8448039226 0.3717047339 19.9913388427  -0.9218416815 0.3717047339 -0.1097429041 -3.4131758436 
3 'crystal symmetry operation' 4_555 x,-y,-z       0.0391739701  0.4856817469  0.8732574883  10.8544689052 0.4856817469  -0.7730055159 0.4081368804 -16.8874996019 0.8732574883  0.4081368804 -0.2661684542 -3.5244258188   
# 
loop_
_pdbx_struct_special_symmetry.id 
_pdbx_struct_special_symmetry.PDB_model_num 
_pdbx_struct_special_symmetry.auth_asym_id 
_pdbx_struct_special_symmetry.auth_comp_id 
_pdbx_struct_special_symmetry.auth_seq_id 
_pdbx_struct_special_symmetry.PDB_ins_code 
_pdbx_struct_special_symmetry.label_asym_id 
_pdbx_struct_special_symmetry.label_comp_id 
_pdbx_struct_special_symmetry.label_seq_id 
1 1 A HOH 13  ? F HOH . 
2 1 A HOH 35  ? F HOH . 
3 1 B HOH 107 ? G HOH . 
4 1 B HOH 147 ? G HOH . 
# 
loop_
_pdbx_audit_revision_history.ordinal 
_pdbx_audit_revision_history.data_content_type 
_pdbx_audit_revision_history.major_revision 
_pdbx_audit_revision_history.minor_revision 
_pdbx_audit_revision_history.revision_date 
1 'Structure model' 1 0 2008-02-05 
2 'Structure model' 1 1 2011-07-13 
3 'Structure model' 1 2 2023-08-30 
# 
_pdbx_audit_revision_details.ordinal             1 
_pdbx_audit_revision_details.revision_ordinal    1 
_pdbx_audit_revision_details.data_content_type   'Structure model' 
_pdbx_audit_revision_details.provider            repository 
_pdbx_audit_revision_details.type                'Initial release' 
_pdbx_audit_revision_details.description         ? 
_pdbx_audit_revision_details.details             ? 
# 
loop_
_pdbx_audit_revision_group.ordinal 
_pdbx_audit_revision_group.revision_ordinal 
_pdbx_audit_revision_group.data_content_type 
_pdbx_audit_revision_group.group 
1 2 'Structure model' 'Version format compliance' 
2 3 'Structure model' 'Data collection'           
3 3 'Structure model' 'Database references'       
4 3 'Structure model' 'Derived calculations'      
5 3 'Structure model' 'Refinement description'    
# 
loop_
_pdbx_audit_revision_category.ordinal 
_pdbx_audit_revision_category.revision_ordinal 
_pdbx_audit_revision_category.data_content_type 
_pdbx_audit_revision_category.category 
1 3 'Structure model' chem_comp_atom                
2 3 'Structure model' chem_comp_bond                
3 3 'Structure model' database_2                    
4 3 'Structure model' diffrn_source                 
5 3 'Structure model' pdbx_initial_refinement_model 
6 3 'Structure model' struct_conn                   
7 3 'Structure model' struct_site                   
# 
loop_
_pdbx_audit_revision_item.ordinal 
_pdbx_audit_revision_item.revision_ordinal 
_pdbx_audit_revision_item.data_content_type 
_pdbx_audit_revision_item.item 
1 3 'Structure model' '_database_2.pdbx_DOI'                 
2 3 'Structure model' '_database_2.pdbx_database_accession'  
3 3 'Structure model' '_diffrn_source.pdbx_synchrotron_site' 
4 3 'Structure model' '_struct_conn.pdbx_leaving_atom_flag'  
5 3 'Structure model' '_struct_site.pdbx_auth_asym_id'       
6 3 'Structure model' '_struct_site.pdbx_auth_comp_id'       
7 3 'Structure model' '_struct_site.pdbx_auth_seq_id'        
# 
loop_
_software.name 
_software.classification 
_software.version 
_software.citation_id 
_software.pdbx_ordinal 
REFMAC    refinement        5.2.0019 ? 1 
MAR345dtb 'data collection' .        ? 2 
MOSFLM    'data reduction'  .        ? 3 
SCALA     'data scaling'    .        ? 4 
PHASER    phasing           .        ? 5 
# 
_pdbx_validate_rmsd_bond.id                        1 
_pdbx_validate_rmsd_bond.PDB_model_num             1 
_pdbx_validate_rmsd_bond.auth_atom_id_1            "O3'" 
_pdbx_validate_rmsd_bond.auth_asym_id_1            B 
_pdbx_validate_rmsd_bond.auth_comp_id_1            DG 
_pdbx_validate_rmsd_bond.auth_seq_id_1             2 
_pdbx_validate_rmsd_bond.PDB_ins_code_1            ? 
_pdbx_validate_rmsd_bond.label_alt_id_1            ? 
_pdbx_validate_rmsd_bond.auth_atom_id_2            "C3'" 
_pdbx_validate_rmsd_bond.auth_asym_id_2            B 
_pdbx_validate_rmsd_bond.auth_comp_id_2            DG 
_pdbx_validate_rmsd_bond.auth_seq_id_2             2 
_pdbx_validate_rmsd_bond.PDB_ins_code_2            ? 
_pdbx_validate_rmsd_bond.label_alt_id_2            ? 
_pdbx_validate_rmsd_bond.bond_value                1.377 
_pdbx_validate_rmsd_bond.bond_target_value         1.419 
_pdbx_validate_rmsd_bond.bond_deviation            -0.042 
_pdbx_validate_rmsd_bond.bond_standard_deviation   0.006 
_pdbx_validate_rmsd_bond.linker_flag               N 
# 
loop_
_pdbx_validate_rmsd_angle.id 
_pdbx_validate_rmsd_angle.PDB_model_num 
_pdbx_validate_rmsd_angle.auth_atom_id_1 
_pdbx_validate_rmsd_angle.auth_asym_id_1 
_pdbx_validate_rmsd_angle.auth_comp_id_1 
_pdbx_validate_rmsd_angle.auth_seq_id_1 
_pdbx_validate_rmsd_angle.PDB_ins_code_1 
_pdbx_validate_rmsd_angle.label_alt_id_1 
_pdbx_validate_rmsd_angle.auth_atom_id_2 
_pdbx_validate_rmsd_angle.auth_asym_id_2 
_pdbx_validate_rmsd_angle.auth_comp_id_2 
_pdbx_validate_rmsd_angle.auth_seq_id_2 
_pdbx_validate_rmsd_angle.PDB_ins_code_2 
_pdbx_validate_rmsd_angle.label_alt_id_2 
_pdbx_validate_rmsd_angle.auth_atom_id_3 
_pdbx_validate_rmsd_angle.auth_asym_id_3 
_pdbx_validate_rmsd_angle.auth_comp_id_3 
_pdbx_validate_rmsd_angle.auth_seq_id_3 
_pdbx_validate_rmsd_angle.PDB_ins_code_3 
_pdbx_validate_rmsd_angle.label_alt_id_3 
_pdbx_validate_rmsd_angle.angle_value 
_pdbx_validate_rmsd_angle.angle_target_value 
_pdbx_validate_rmsd_angle.angle_deviation 
_pdbx_validate_rmsd_angle.angle_standard_deviation 
_pdbx_validate_rmsd_angle.linker_flag 
1  1 "O5'" A DC 3  ? ? "C5'" A DC 3  ? ? "C4'" A DC 3  ? ? 102.34 109.40 -7.06 0.80 N 
2  1 "O5'" A DT 8  ? ? "C5'" A DT 8  ? ? "C4'" A DT 8  ? ? 103.51 109.40 -5.89 0.80 N 
3  1 "O4'" A DT 8  ? ? "C1'" A DT 8  ? ? N1    A DT 8  ? ? 103.51 108.00 -4.49 0.70 N 
4  1 "O4'" A DC 9  ? ? "C1'" A DC 9  ? ? N1    A DC 9  ? ? 100.94 108.00 -7.06 0.70 N 
5  1 "C3'" A DG 10 ? ? "C2'" A DG 10 ? ? "C1'" A DG 10 ? ? 97.07  102.40 -5.33 0.80 N 
6  1 "O4'" A DG 12 ? ? "C1'" A DG 12 ? ? N9    A DG 12 ? ? 110.50 108.30 2.20  0.30 N 
7  1 "C3'" B DG 2  ? ? "C2'" B DG 2  ? ? "C1'" B DG 2  ? ? 96.94  102.40 -5.46 0.80 N 
8  1 "O4'" B DG 2  ? ? "C1'" B DG 2  ? ? N9    B DG 2  ? ? 114.35 108.30 6.05  0.30 N 
9  1 "O5'" B DG 4  ? ? "C5'" B DG 4  ? ? "C4'" B DG 4  ? ? 102.60 109.40 -6.80 0.80 N 
10 1 "O4'" B DG 4  ? ? "C1'" B DG 4  ? ? N9    B DG 4  ? ? 103.80 108.00 -4.20 0.70 N 
11 1 N1    B DA 5  ? ? C6    B DA 5  ? ? N6    B DA 5  ? ? 122.85 118.60 4.25  0.60 N 
12 1 "O4'" B DT 8  ? ? "C1'" B DT 8  ? ? N1    B DT 8  ? ? 103.76 108.00 -4.24 0.70 N 
# 
loop_
_pdbx_unobs_or_zero_occ_atoms.id 
_pdbx_unobs_or_zero_occ_atoms.PDB_model_num 
_pdbx_unobs_or_zero_occ_atoms.polymer_flag 
_pdbx_unobs_or_zero_occ_atoms.occupancy_flag 
_pdbx_unobs_or_zero_occ_atoms.auth_asym_id 
_pdbx_unobs_or_zero_occ_atoms.auth_comp_id 
_pdbx_unobs_or_zero_occ_atoms.auth_seq_id 
_pdbx_unobs_or_zero_occ_atoms.PDB_ins_code 
_pdbx_unobs_or_zero_occ_atoms.auth_atom_id 
_pdbx_unobs_or_zero_occ_atoms.label_alt_id 
_pdbx_unobs_or_zero_occ_atoms.label_asym_id 
_pdbx_unobs_or_zero_occ_atoms.label_comp_id 
_pdbx_unobs_or_zero_occ_atoms.label_seq_id 
_pdbx_unobs_or_zero_occ_atoms.label_atom_id 
1 1 Y 1 B DG 2 ? P   ? B DG 2 P   
2 1 Y 1 B DG 2 ? OP1 ? B DG 2 OP1 
3 1 Y 1 B DG 2 ? OP2 ? B DG 2 OP2 
# 
_pdbx_unobs_or_zero_occ_residues.id               1 
_pdbx_unobs_or_zero_occ_residues.PDB_model_num    1 
_pdbx_unobs_or_zero_occ_residues.polymer_flag     Y 
_pdbx_unobs_or_zero_occ_residues.occupancy_flag   1 
_pdbx_unobs_or_zero_occ_residues.auth_asym_id     B 
_pdbx_unobs_or_zero_occ_residues.auth_comp_id     DC 
_pdbx_unobs_or_zero_occ_residues.auth_seq_id      1 
_pdbx_unobs_or_zero_occ_residues.PDB_ins_code     ? 
_pdbx_unobs_or_zero_occ_residues.label_asym_id    B 
_pdbx_unobs_or_zero_occ_residues.label_comp_id    DC 
_pdbx_unobs_or_zero_occ_residues.label_seq_id     1 
# 
loop_
_chem_comp_atom.comp_id 
_chem_comp_atom.atom_id 
_chem_comp_atom.type_symbol 
_chem_comp_atom.pdbx_aromatic_flag 
_chem_comp_atom.pdbx_stereo_config 
_chem_comp_atom.pdbx_ordinal 
DA  OP3    O  N N 1   
DA  P      P  N N 2   
DA  OP1    O  N N 3   
DA  OP2    O  N N 4   
DA  "O5'"  O  N N 5   
DA  "C5'"  C  N N 6   
DA  "C4'"  C  N R 7   
DA  "O4'"  O  N N 8   
DA  "C3'"  C  N S 9   
DA  "O3'"  O  N N 10  
DA  "C2'"  C  N N 11  
DA  "C1'"  C  N R 12  
DA  N9     N  Y N 13  
DA  C8     C  Y N 14  
DA  N7     N  Y N 15  
DA  C5     C  Y N 16  
DA  C6     C  Y N 17  
DA  N6     N  N N 18  
DA  N1     N  Y N 19  
DA  C2     C  Y N 20  
DA  N3     N  Y N 21  
DA  C4     C  Y N 22  
DA  HOP3   H  N N 23  
DA  HOP2   H  N N 24  
DA  "H5'"  H  N N 25  
DA  "H5''" H  N N 26  
DA  "H4'"  H  N N 27  
DA  "H3'"  H  N N 28  
DA  "HO3'" H  N N 29  
DA  "H2'"  H  N N 30  
DA  "H2''" H  N N 31  
DA  "H1'"  H  N N 32  
DA  H8     H  N N 33  
DA  H61    H  N N 34  
DA  H62    H  N N 35  
DA  H2     H  N N 36  
DC  OP3    O  N N 37  
DC  P      P  N N 38  
DC  OP1    O  N N 39  
DC  OP2    O  N N 40  
DC  "O5'"  O  N N 41  
DC  "C5'"  C  N N 42  
DC  "C4'"  C  N R 43  
DC  "O4'"  O  N N 44  
DC  "C3'"  C  N S 45  
DC  "O3'"  O  N N 46  
DC  "C2'"  C  N N 47  
DC  "C1'"  C  N R 48  
DC  N1     N  N N 49  
DC  C2     C  N N 50  
DC  O2     O  N N 51  
DC  N3     N  N N 52  
DC  C4     C  N N 53  
DC  N4     N  N N 54  
DC  C5     C  N N 55  
DC  C6     C  N N 56  
DC  HOP3   H  N N 57  
DC  HOP2   H  N N 58  
DC  "H5'"  H  N N 59  
DC  "H5''" H  N N 60  
DC  "H4'"  H  N N 61  
DC  "H3'"  H  N N 62  
DC  "HO3'" H  N N 63  
DC  "H2'"  H  N N 64  
DC  "H2''" H  N N 65  
DC  "H1'"  H  N N 66  
DC  H41    H  N N 67  
DC  H42    H  N N 68  
DC  H5     H  N N 69  
DC  H6     H  N N 70  
DG  OP3    O  N N 71  
DG  P      P  N N 72  
DG  OP1    O  N N 73  
DG  OP2    O  N N 74  
DG  "O5'"  O  N N 75  
DG  "C5'"  C  N N 76  
DG  "C4'"  C  N R 77  
DG  "O4'"  O  N N 78  
DG  "C3'"  C  N S 79  
DG  "O3'"  O  N N 80  
DG  "C2'"  C  N N 81  
DG  "C1'"  C  N R 82  
DG  N9     N  Y N 83  
DG  C8     C  Y N 84  
DG  N7     N  Y N 85  
DG  C5     C  Y N 86  
DG  C6     C  N N 87  
DG  O6     O  N N 88  
DG  N1     N  N N 89  
DG  C2     C  N N 90  
DG  N2     N  N N 91  
DG  N3     N  N N 92  
DG  C4     C  Y N 93  
DG  HOP3   H  N N 94  
DG  HOP2   H  N N 95  
DG  "H5'"  H  N N 96  
DG  "H5''" H  N N 97  
DG  "H4'"  H  N N 98  
DG  "H3'"  H  N N 99  
DG  "HO3'" H  N N 100 
DG  "H2'"  H  N N 101 
DG  "H2''" H  N N 102 
DG  "H1'"  H  N N 103 
DG  H8     H  N N 104 
DG  H1     H  N N 105 
DG  H21    H  N N 106 
DG  H22    H  N N 107 
DT  OP3    O  N N 108 
DT  P      P  N N 109 
DT  OP1    O  N N 110 
DT  OP2    O  N N 111 
DT  "O5'"  O  N N 112 
DT  "C5'"  C  N N 113 
DT  "C4'"  C  N R 114 
DT  "O4'"  O  N N 115 
DT  "C3'"  C  N S 116 
DT  "O3'"  O  N N 117 
DT  "C2'"  C  N N 118 
DT  "C1'"  C  N R 119 
DT  N1     N  N N 120 
DT  C2     C  N N 121 
DT  O2     O  N N 122 
DT  N3     N  N N 123 
DT  C4     C  N N 124 
DT  O4     O  N N 125 
DT  C5     C  N N 126 
DT  C7     C  N N 127 
DT  C6     C  N N 128 
DT  HOP3   H  N N 129 
DT  HOP2   H  N N 130 
DT  "H5'"  H  N N 131 
DT  "H5''" H  N N 132 
DT  "H4'"  H  N N 133 
DT  "H3'"  H  N N 134 
DT  "HO3'" H  N N 135 
DT  "H2'"  H  N N 136 
DT  "H2''" H  N N 137 
DT  "H1'"  H  N N 138 
DT  H3     H  N N 139 
DT  H71    H  N N 140 
DT  H72    H  N N 141 
DT  H73    H  N N 142 
DT  H6     H  N N 143 
HOH O      O  N N 144 
HOH H1     H  N N 145 
HOH H2     H  N N 146 
NCO CO     CO N N 147 
NCO N1     N  N N 148 
NCO N2     N  N N 149 
NCO N3     N  N N 150 
NCO N4     N  N N 151 
NCO N5     N  N N 152 
NCO N6     N  N N 153 
NCO HN11   H  N N 154 
NCO HN12   H  N N 155 
NCO HN13   H  N N 156 
NCO HN21   H  N N 157 
NCO HN22   H  N N 158 
NCO HN23   H  N N 159 
NCO HN31   H  N N 160 
NCO HN32   H  N N 161 
NCO HN33   H  N N 162 
NCO HN41   H  N N 163 
NCO HN42   H  N N 164 
NCO HN43   H  N N 165 
NCO HN51   H  N N 166 
NCO HN52   H  N N 167 
NCO HN53   H  N N 168 
NCO HN61   H  N N 169 
NCO HN62   H  N N 170 
NCO HN63   H  N N 171 
XAR O3P    O  N N 172 
XAR O1P    O  N N 173 
XAR P      P  N N 174 
XAR O2P    O  N N 175 
XAR "O5'"  O  N N 176 
XAR "C5'"  C  N N 177 
XAR "C4'"  C  N R 178 
XAR "C3'"  C  N S 179 
XAR "O3'"  O  N N 180 
XAR "C2'"  C  N N 181 
XAR "C1'"  C  N S 182 
XAR "C7'"  C  N N 183 
XAR "C6'"  C  N N 184 
XAR N9     N  Y N 185 
XAR C8     C  Y N 186 
XAR N7     N  Y N 187 
XAR C5     C  Y N 188 
XAR C4     C  Y N 189 
XAR N3     N  Y N 190 
XAR C6     C  Y N 191 
XAR N6     N  N N 192 
XAR N1     N  Y N 193 
XAR C2     C  Y N 194 
XAR HOP3   H  N N 195 
XAR HOP2   H  N N 196 
XAR "H5'1" H  N N 197 
XAR "H5'2" H  N N 198 
XAR "H4'"  H  N N 199 
XAR "H3'"  H  N N 200 
XAR H3T    H  N N 201 
XAR "H2'1" H  N N 202 
XAR "H2'2" H  N N 203 
XAR "H1'"  H  N N 204 
XAR "H7'"  H  N N 205 
XAR "H6'"  H  N N 206 
XAR H8     H  N N 207 
XAR HN61   H  N N 208 
XAR HN62   H  N N 209 
XAR H2     H  N N 210 
# 
loop_
_chem_comp_bond.comp_id 
_chem_comp_bond.atom_id_1 
_chem_comp_bond.atom_id_2 
_chem_comp_bond.value_order 
_chem_comp_bond.pdbx_aromatic_flag 
_chem_comp_bond.pdbx_stereo_config 
_chem_comp_bond.pdbx_ordinal 
DA  OP3   P      sing N N 1   
DA  OP3   HOP3   sing N N 2   
DA  P     OP1    doub N N 3   
DA  P     OP2    sing N N 4   
DA  P     "O5'"  sing N N 5   
DA  OP2   HOP2   sing N N 6   
DA  "O5'" "C5'"  sing N N 7   
DA  "C5'" "C4'"  sing N N 8   
DA  "C5'" "H5'"  sing N N 9   
DA  "C5'" "H5''" sing N N 10  
DA  "C4'" "O4'"  sing N N 11  
DA  "C4'" "C3'"  sing N N 12  
DA  "C4'" "H4'"  sing N N 13  
DA  "O4'" "C1'"  sing N N 14  
DA  "C3'" "O3'"  sing N N 15  
DA  "C3'" "C2'"  sing N N 16  
DA  "C3'" "H3'"  sing N N 17  
DA  "O3'" "HO3'" sing N N 18  
DA  "C2'" "C1'"  sing N N 19  
DA  "C2'" "H2'"  sing N N 20  
DA  "C2'" "H2''" sing N N 21  
DA  "C1'" N9     sing N N 22  
DA  "C1'" "H1'"  sing N N 23  
DA  N9    C8     sing Y N 24  
DA  N9    C4     sing Y N 25  
DA  C8    N7     doub Y N 26  
DA  C8    H8     sing N N 27  
DA  N7    C5     sing Y N 28  
DA  C5    C6     sing Y N 29  
DA  C5    C4     doub Y N 30  
DA  C6    N6     sing N N 31  
DA  C6    N1     doub Y N 32  
DA  N6    H61    sing N N 33  
DA  N6    H62    sing N N 34  
DA  N1    C2     sing Y N 35  
DA  C2    N3     doub Y N 36  
DA  C2    H2     sing N N 37  
DA  N3    C4     sing Y N 38  
DC  OP3   P      sing N N 39  
DC  OP3   HOP3   sing N N 40  
DC  P     OP1    doub N N 41  
DC  P     OP2    sing N N 42  
DC  P     "O5'"  sing N N 43  
DC  OP2   HOP2   sing N N 44  
DC  "O5'" "C5'"  sing N N 45  
DC  "C5'" "C4'"  sing N N 46  
DC  "C5'" "H5'"  sing N N 47  
DC  "C5'" "H5''" sing N N 48  
DC  "C4'" "O4'"  sing N N 49  
DC  "C4'" "C3'"  sing N N 50  
DC  "C4'" "H4'"  sing N N 51  
DC  "O4'" "C1'"  sing N N 52  
DC  "C3'" "O3'"  sing N N 53  
DC  "C3'" "C2'"  sing N N 54  
DC  "C3'" "H3'"  sing N N 55  
DC  "O3'" "HO3'" sing N N 56  
DC  "C2'" "C1'"  sing N N 57  
DC  "C2'" "H2'"  sing N N 58  
DC  "C2'" "H2''" sing N N 59  
DC  "C1'" N1     sing N N 60  
DC  "C1'" "H1'"  sing N N 61  
DC  N1    C2     sing N N 62  
DC  N1    C6     sing N N 63  
DC  C2    O2     doub N N 64  
DC  C2    N3     sing N N 65  
DC  N3    C4     doub N N 66  
DC  C4    N4     sing N N 67  
DC  C4    C5     sing N N 68  
DC  N4    H41    sing N N 69  
DC  N4    H42    sing N N 70  
DC  C5    C6     doub N N 71  
DC  C5    H5     sing N N 72  
DC  C6    H6     sing N N 73  
DG  OP3   P      sing N N 74  
DG  OP3   HOP3   sing N N 75  
DG  P     OP1    doub N N 76  
DG  P     OP2    sing N N 77  
DG  P     "O5'"  sing N N 78  
DG  OP2   HOP2   sing N N 79  
DG  "O5'" "C5'"  sing N N 80  
DG  "C5'" "C4'"  sing N N 81  
DG  "C5'" "H5'"  sing N N 82  
DG  "C5'" "H5''" sing N N 83  
DG  "C4'" "O4'"  sing N N 84  
DG  "C4'" "C3'"  sing N N 85  
DG  "C4'" "H4'"  sing N N 86  
DG  "O4'" "C1'"  sing N N 87  
DG  "C3'" "O3'"  sing N N 88  
DG  "C3'" "C2'"  sing N N 89  
DG  "C3'" "H3'"  sing N N 90  
DG  "O3'" "HO3'" sing N N 91  
DG  "C2'" "C1'"  sing N N 92  
DG  "C2'" "H2'"  sing N N 93  
DG  "C2'" "H2''" sing N N 94  
DG  "C1'" N9     sing N N 95  
DG  "C1'" "H1'"  sing N N 96  
DG  N9    C8     sing Y N 97  
DG  N9    C4     sing Y N 98  
DG  C8    N7     doub Y N 99  
DG  C8    H8     sing N N 100 
DG  N7    C5     sing Y N 101 
DG  C5    C6     sing N N 102 
DG  C5    C4     doub Y N 103 
DG  C6    O6     doub N N 104 
DG  C6    N1     sing N N 105 
DG  N1    C2     sing N N 106 
DG  N1    H1     sing N N 107 
DG  C2    N2     sing N N 108 
DG  C2    N3     doub N N 109 
DG  N2    H21    sing N N 110 
DG  N2    H22    sing N N 111 
DG  N3    C4     sing N N 112 
DT  OP3   P      sing N N 113 
DT  OP3   HOP3   sing N N 114 
DT  P     OP1    doub N N 115 
DT  P     OP2    sing N N 116 
DT  P     "O5'"  sing N N 117 
DT  OP2   HOP2   sing N N 118 
DT  "O5'" "C5'"  sing N N 119 
DT  "C5'" "C4'"  sing N N 120 
DT  "C5'" "H5'"  sing N N 121 
DT  "C5'" "H5''" sing N N 122 
DT  "C4'" "O4'"  sing N N 123 
DT  "C4'" "C3'"  sing N N 124 
DT  "C4'" "H4'"  sing N N 125 
DT  "O4'" "C1'"  sing N N 126 
DT  "C3'" "O3'"  sing N N 127 
DT  "C3'" "C2'"  sing N N 128 
DT  "C3'" "H3'"  sing N N 129 
DT  "O3'" "HO3'" sing N N 130 
DT  "C2'" "C1'"  sing N N 131 
DT  "C2'" "H2'"  sing N N 132 
DT  "C2'" "H2''" sing N N 133 
DT  "C1'" N1     sing N N 134 
DT  "C1'" "H1'"  sing N N 135 
DT  N1    C2     sing N N 136 
DT  N1    C6     sing N N 137 
DT  C2    O2     doub N N 138 
DT  C2    N3     sing N N 139 
DT  N3    C4     sing N N 140 
DT  N3    H3     sing N N 141 
DT  C4    O4     doub N N 142 
DT  C4    C5     sing N N 143 
DT  C5    C7     sing N N 144 
DT  C5    C6     doub N N 145 
DT  C7    H71    sing N N 146 
DT  C7    H72    sing N N 147 
DT  C7    H73    sing N N 148 
DT  C6    H6     sing N N 149 
HOH O     H1     sing N N 150 
HOH O     H2     sing N N 151 
NCO CO    N1     sing N N 152 
NCO CO    N2     sing N N 153 
NCO CO    N3     sing N N 154 
NCO CO    N4     sing N N 155 
NCO CO    N5     sing N N 156 
NCO CO    N6     sing N N 157 
NCO N1    HN11   sing N N 158 
NCO N1    HN12   sing N N 159 
NCO N1    HN13   sing N N 160 
NCO N2    HN21   sing N N 161 
NCO N2    HN22   sing N N 162 
NCO N2    HN23   sing N N 163 
NCO N3    HN31   sing N N 164 
NCO N3    HN32   sing N N 165 
NCO N3    HN33   sing N N 166 
NCO N4    HN41   sing N N 167 
NCO N4    HN42   sing N N 168 
NCO N4    HN43   sing N N 169 
NCO N5    HN51   sing N N 170 
NCO N5    HN52   sing N N 171 
NCO N5    HN53   sing N N 172 
NCO N6    HN61   sing N N 173 
NCO N6    HN62   sing N N 174 
NCO N6    HN63   sing N N 175 
XAR O3P   P      sing N N 176 
XAR O3P   HOP3   sing N N 177 
XAR O1P   P      doub N N 178 
XAR P     O2P    sing N N 179 
XAR P     "O5'"  sing N N 180 
XAR O2P   HOP2   sing N N 181 
XAR "O5'" "C5'"  sing N N 182 
XAR "C5'" "C4'"  sing N N 183 
XAR "C5'" "H5'1" sing N N 184 
XAR "C5'" "H5'2" sing N N 185 
XAR "C4'" "C6'"  sing N N 186 
XAR "C4'" "C3'"  sing N N 187 
XAR "C4'" "H4'"  sing N N 188 
XAR "C3'" "O3'"  sing N N 189 
XAR "C3'" "C2'"  sing N N 190 
XAR "C3'" "H3'"  sing N N 191 
XAR "O3'" H3T    sing N N 192 
XAR "C2'" "C1'"  sing N N 193 
XAR "C2'" "H2'1" sing N N 194 
XAR "C2'" "H2'2" sing N N 195 
XAR "C1'" "C7'"  sing N N 196 
XAR "C1'" N9     sing N N 197 
XAR "C1'" "H1'"  sing N N 198 
XAR "C7'" "C6'"  doub N N 199 
XAR "C7'" "H7'"  sing N N 200 
XAR "C6'" "H6'"  sing N N 201 
XAR N9    C8     sing Y N 202 
XAR N9    C4     sing Y N 203 
XAR C8    N7     doub Y N 204 
XAR C8    H8     sing N N 205 
XAR N7    C5     sing Y N 206 
XAR C5    C4     doub Y N 207 
XAR C5    C6     sing Y N 208 
XAR C4    N3     sing Y N 209 
XAR N3    C2     doub Y N 210 
XAR C6    N1     doub Y N 211 
XAR C6    N6     sing N N 212 
XAR N6    HN61   sing N N 213 
XAR N6    HN62   sing N N 214 
XAR N1    C2     sing Y N 215 
XAR C2    H2     sing N N 216 
# 
loop_
_ndb_struct_conf_na.entry_id 
_ndb_struct_conf_na.feature 
2P8D 'b-form double helix' 
2P8D 'internal loop'       
# 
loop_
_ndb_struct_na_base_pair.model_number 
_ndb_struct_na_base_pair.i_label_asym_id 
_ndb_struct_na_base_pair.i_label_comp_id 
_ndb_struct_na_base_pair.i_label_seq_id 
_ndb_struct_na_base_pair.i_symmetry 
_ndb_struct_na_base_pair.j_label_asym_id 
_ndb_struct_na_base_pair.j_label_comp_id 
_ndb_struct_na_base_pair.j_label_seq_id 
_ndb_struct_na_base_pair.j_symmetry 
_ndb_struct_na_base_pair.shear 
_ndb_struct_na_base_pair.stretch 
_ndb_struct_na_base_pair.stagger 
_ndb_struct_na_base_pair.buckle 
_ndb_struct_na_base_pair.propeller 
_ndb_struct_na_base_pair.opening 
_ndb_struct_na_base_pair.pair_number 
_ndb_struct_na_base_pair.pair_name 
_ndb_struct_na_base_pair.i_auth_asym_id 
_ndb_struct_na_base_pair.i_auth_seq_id 
_ndb_struct_na_base_pair.i_PDB_ins_code 
_ndb_struct_na_base_pair.j_auth_asym_id 
_ndb_struct_na_base_pair.j_auth_seq_id 
_ndb_struct_na_base_pair.j_PDB_ins_code 
_ndb_struct_na_base_pair.hbond_type_28 
_ndb_struct_na_base_pair.hbond_type_12 
1 A DC 1 1_555 A DG 12 3_454 0.352  -0.322 0.374  -10.532 -10.124 -0.922 1  A_DC1:DG12_A A 1 ? A 12 ? 19 1 
1 A DG 2 1_555 A DC 11 3_454 -0.185 -0.186 0.218  -7.960  -6.364  -2.550 2  A_DG2:DC11_A A 2 ? A 11 ? 19 1 
1 A DC 3 1_555 A DG 10 3_454 0.339  -0.098 0.042  -7.123  -4.832  -1.464 3  A_DC3:DG10_A A 3 ? A 10 ? 19 1 
1 A DG 4 1_555 A DC 9  3_454 -0.382 -0.108 0.044  11.947  -7.334  -3.431 4  A_DG4:DC9_A  A 4 ? A 9  ? 19 1 
1 A DA 5 1_555 A DT 8  3_454 0.243  -0.133 -0.099 8.826   -17.899 0.770  5  A_DA5:DT8_A  A 5 ? A 8  ? 20 1 
1 A DC 1 1_555 A DG 12 1_555 0.352  -0.322 0.374  -10.532 -10.124 -0.922 6  A_DC1:DG12_A A 1 ? A 12 ? 19 1 
1 A DG 2 1_555 A DC 11 1_555 -0.185 -0.186 0.218  -7.960  -6.364  -2.551 7  A_DG2:DC11_A A 2 ? A 11 ? 19 1 
1 A DC 3 1_555 A DG 10 1_555 0.339  -0.098 0.042  -7.123  -4.832  -1.464 8  A_DC3:DG10_A A 3 ? A 10 ? 19 1 
1 A DG 4 1_555 A DC 9  1_555 -0.382 -0.108 0.044  11.947  -7.334  -3.431 9  A_DG4:DC9_A  A 4 ? A 9  ? 19 1 
1 A DA 5 1_555 A DT 8  1_555 0.243  -0.133 -0.099 8.826   -17.899 0.770  10 A_DA5:DT8_A  A 5 ? A 8  ? 20 1 
# 
loop_
_ndb_struct_na_base_pair_step.model_number 
_ndb_struct_na_base_pair_step.i_label_asym_id_1 
_ndb_struct_na_base_pair_step.i_label_comp_id_1 
_ndb_struct_na_base_pair_step.i_label_seq_id_1 
_ndb_struct_na_base_pair_step.i_symmetry_1 
_ndb_struct_na_base_pair_step.j_label_asym_id_1 
_ndb_struct_na_base_pair_step.j_label_comp_id_1 
_ndb_struct_na_base_pair_step.j_label_seq_id_1 
_ndb_struct_na_base_pair_step.j_symmetry_1 
_ndb_struct_na_base_pair_step.i_label_asym_id_2 
_ndb_struct_na_base_pair_step.i_label_comp_id_2 
_ndb_struct_na_base_pair_step.i_label_seq_id_2 
_ndb_struct_na_base_pair_step.i_symmetry_2 
_ndb_struct_na_base_pair_step.j_label_asym_id_2 
_ndb_struct_na_base_pair_step.j_label_comp_id_2 
_ndb_struct_na_base_pair_step.j_label_seq_id_2 
_ndb_struct_na_base_pair_step.j_symmetry_2 
_ndb_struct_na_base_pair_step.shift 
_ndb_struct_na_base_pair_step.slide 
_ndb_struct_na_base_pair_step.rise 
_ndb_struct_na_base_pair_step.tilt 
_ndb_struct_na_base_pair_step.roll 
_ndb_struct_na_base_pair_step.twist 
_ndb_struct_na_base_pair_step.x_displacement 
_ndb_struct_na_base_pair_step.y_displacement 
_ndb_struct_na_base_pair_step.helical_rise 
_ndb_struct_na_base_pair_step.inclination 
_ndb_struct_na_base_pair_step.tip 
_ndb_struct_na_base_pair_step.helical_twist 
_ndb_struct_na_base_pair_step.step_number 
_ndb_struct_na_base_pair_step.step_name 
_ndb_struct_na_base_pair_step.i_auth_asym_id_1 
_ndb_struct_na_base_pair_step.i_auth_seq_id_1 
_ndb_struct_na_base_pair_step.i_PDB_ins_code_1 
_ndb_struct_na_base_pair_step.j_auth_asym_id_1 
_ndb_struct_na_base_pair_step.j_auth_seq_id_1 
_ndb_struct_na_base_pair_step.j_PDB_ins_code_1 
_ndb_struct_na_base_pair_step.i_auth_asym_id_2 
_ndb_struct_na_base_pair_step.i_auth_seq_id_2 
_ndb_struct_na_base_pair_step.i_PDB_ins_code_2 
_ndb_struct_na_base_pair_step.j_auth_asym_id_2 
_ndb_struct_na_base_pair_step.j_auth_seq_id_2 
_ndb_struct_na_base_pair_step.j_PDB_ins_code_2 
1 A DC 1 1_555 A DG 12 3_454 A DG 2 1_555 A DC 11 3_454 0.067  0.291  3.189 1.903 3.331  35.300 0.000  0.163  3.201 5.473  -3.127 
35.502 1 AA_DC1DG2:DC11DG12_AA A 1 ? A 12 ? A 2 ? A 11 ? 
1 A DG 2 1_555 A DC 11 3_454 A DC 3 1_555 A DG 10 3_454 0.736  0.686  3.408 3.727 -6.337 41.767 1.619  -0.624 3.325 -8.807 -5.179 
42.380 2 AA_DG2DC3:DG10DC11_AA A 2 ? A 11 ? A 3 ? A 10 ? 
1 A DC 3 1_555 A DG 10 3_454 A DG 4 1_555 A DC 9  3_454 -0.375 0.911  2.974 1.776 7.236  25.920 0.208  1.234  3.078 15.722 -3.860 
26.952 3 AA_DC3DG4:DC9DG10_AA  A 3 ? A 10 ? A 4 ? A 9  ? 
1 A DG 4 1_555 A DC 9  3_454 A DA 5 1_555 A DT 8  3_454 0.400  -0.017 3.372 2.602 3.712  37.319 -0.527 -0.270 3.374 5.774  -4.048 
37.583 4 AA_DG4DA5:DT8DC9_AA   A 4 ? A 9  ? A 5 ? A 8  ? 
1 A DC 1 1_555 A DG 12 1_555 A DG 2 1_555 A DC 11 1_555 0.067  0.291  3.189 1.903 3.331  35.300 0.000  0.163  3.201 5.473  -3.127 
35.502 5 AA_DC1DG2:DC11DG12_AA A 1 ? A 12 ? A 2 ? A 11 ? 
1 A DG 2 1_555 A DC 11 1_555 A DC 3 1_555 A DG 10 1_555 0.736  0.686  3.408 3.727 -6.337 41.767 1.619  -0.624 3.325 -8.807 -5.179 
42.380 6 AA_DG2DC3:DG10DC11_AA A 2 ? A 11 ? A 3 ? A 10 ? 
1 A DC 3 1_555 A DG 10 1_555 A DG 4 1_555 A DC 9  1_555 -0.375 0.911  2.974 1.776 7.236  25.920 0.208  1.234  3.078 15.722 -3.860 
26.952 7 AA_DC3DG4:DC9DG10_AA  A 3 ? A 10 ? A 4 ? A 9  ? 
1 A DG 4 1_555 A DC 9  1_555 A DA 5 1_555 A DT 8  1_555 0.400  -0.017 3.372 2.602 3.712  37.319 -0.527 -0.270 3.374 5.774  -4.048 
37.583 8 AA_DG4DA5:DT8DC9_AA   A 4 ? A 9  ? A 5 ? A 8  ? 
# 
loop_
_pdbx_entity_nonpoly.entity_id 
_pdbx_entity_nonpoly.name 
_pdbx_entity_nonpoly.comp_id 
2 'COBALT HEXAMMINE(III)' NCO 
3 water                   HOH 
# 
_pdbx_initial_refinement_model.id               1 
_pdbx_initial_refinement_model.entity_id_list   ? 
_pdbx_initial_refinement_model.type             'experimental model' 
_pdbx_initial_refinement_model.source_name      PDB 
_pdbx_initial_refinement_model.accession_code   355D 
_pdbx_initial_refinement_model.details          'PDB ENTRY 355D' 
# 
